data_7JVP
#
_entry.id   7JVP
#
_cell.length_a   1.00
_cell.length_b   1.00
_cell.length_c   1.00
_cell.angle_alpha   90.00
_cell.angle_beta   90.00
_cell.angle_gamma   90.00
#
_symmetry.space_group_name_H-M   'P 1'
#
loop_
_entity.id
_entity.type
_entity.pdbx_description
1 polymer 'D(1A) dopamine receptor'
2 polymer 'Guanine nucleotide-binding protein G(s) subunit alpha isoforms short'
3 polymer 'Guanine nucleotide-binding protein G(I)/G(S)/G(T) subunit beta-1'
4 polymer 'Guanine nucleotide-binding protein G(I)/G(S)/G(O) subunit gamma-2'
5 polymer 'nanobody 35'
6 non-polymer (1R)-6-chloro-3-methyl-1-(3-methylphenyl)-2,3,4,5-tetrahydro-1H-3-benzazepine-7,8-diol
7 non-polymer CHOLESTEROL
8 non-polymer 'PALMITIC ACID'
#
loop_
_entity_poly.entity_id
_entity_poly.type
_entity_poly.pdbx_seq_one_letter_code
_entity_poly.pdbx_strand_id
1 'polypeptide(L)'
;DYKDDDDVDMGQPGNGSAFLLAPNGSHAPDHDVTQQRDEENLYFQGASMRTLNTSAMDGTGLVVERDFSVRILTACFLSL
LILSTLLGNTLVCAAVIRFRHLRSKVTNFFVISLAVSDLLVAVLVMPWKAVAEIAGFWPFGSFCNIWVAFDIMCSTASIL
NLCVISVDRYWAISSPFRYERKMTPKAAFILISVAWTLSVLISFIPVQLSWHKAKPTSPSDGNATSLAETIDNCDSSLSR
TYAISSSVISFYIPVAIMIVTYTRIYRIAQKQIRRIAALERAAVHAKNCQTTTGNGKPVECSQPESSFKMSFKRETKVLK
TLSVIMGVFVCCWLPFFILNCILPFCGSGETQPFCIDSNTFDVFVWFGWANSSLNPIIYAFNADFRKAFSTLLGCYRLCP
ATNNAIETVSINNNGAAMFSSHHEPRGSISKECNLVYLIPHAVGSSEDLKKEEAAGIARPLEKLSPALSVILDYDTDVSL
EKIQPITQNGQHPTHHHHHHHH
;
R
2 'polypeptide(L)'
;GCLGNSKTEDQRNEEKAQREANKKIEKQLQKDKQVYRATHRLLLLGAGESGKSTIVKQMRILHVNGFNGEGGEEDPQAAR
SNSDGEKATKVQDIKNNLKEAIETIVAAMSNLVPPVELANPENQFRVDYILSVMNVPDFDFPPEFYEHAKALWEDEGVRA
CYERSNEYQLIDCAQYFLDKIDVIKQADYVPSDQDLLRCRVLTSGIFETKFQVDKVNFHMFDVGAQRDERRKWIQCFNDV
TAIIFVVASSSYNMVIREDNQTNRLQEALNLFKSIWNNRWLRTISVILFLNKQDLLAEKVLAGKSKIEDYFPEFARYTTP
EDATPEPGEDPRVTRAKYFIRDEFLRISTASGDGRHYCYPHFTCSVDTENIRRVFNDCRDIIQRMHLRQYELL
;
A
3 'polypeptide(L)'
;HHHHHHHHMGSLLQSELDQLRQEAEQLKNQIRDARKACADATLSQITNNIDPVGRIQMRTRRTLRGHLAKIYAMHWGTDS
RLLVSASQDGKLIIWDSYTTNKVHAIPLRSSWVMTCAYAPSGNYVACGGLDNICSIYNLKTREGNVRVSRELAGHTGYLS
CCRFLDDNQIVTSSGDTTCALWDIETGQQTTTFTGHTGDVMSLSLAPDTRLFVSGACDASAKLWDVREGMCRQTFTGHES
DINAICFFPNGNAFATGSDDATCRLFDLRADQELMTYSHDNIICGITSVSFSKSGRLLLAGYDDFNCNVWDALKADRAGV
LAGHDNRVSCLGVTDDGMAVATGSWDSFLKIWNG
;
B
4 'polypeptide(L)' ASNNTASIAQARKLVEQLKMEANIDRIKVSKAAADLMAYCEAHAKEDPLLTPVPASENPFREKKFFC G
5 'polypeptide(L)'
;MQVQLQESGGGLVQPGGSLRLSCAASGFTFSNYKMNWVRQAPGKGLEWVSDISQSGASISYTGSVKGRFTISRDNAKNTL
YLQMNSLKPEDTAVYYCARCPAPFTRDCFDVTSTTYAYRGQGTQVTVSSHHHHHH
;
N
#
# COMPACT_ATOMS: atom_id res chain seq x y z
N PHE A 68 -12.17 -44.28 -41.03
CA PHE A 68 -13.17 -43.82 -40.09
C PHE A 68 -12.52 -43.30 -38.80
N SER A 69 -11.47 -44.01 -38.36
CA SER A 69 -10.77 -43.64 -37.12
C SER A 69 -10.04 -42.31 -37.26
N VAL A 70 -9.42 -42.08 -38.43
CA VAL A 70 -8.67 -40.85 -38.68
C VAL A 70 -9.61 -39.64 -38.65
N ARG A 71 -10.81 -39.77 -39.23
CA ARG A 71 -11.79 -38.70 -39.22
C ARG A 71 -12.25 -38.37 -37.80
N ILE A 72 -12.46 -39.41 -36.98
CA ILE A 72 -12.86 -39.22 -35.59
C ILE A 72 -11.75 -38.52 -34.80
N LEU A 73 -10.49 -38.92 -35.04
CA LEU A 73 -9.35 -38.29 -34.36
C LEU A 73 -9.21 -36.82 -34.74
N THR A 74 -9.36 -36.50 -36.04
CA THR A 74 -9.30 -35.11 -36.48
C THR A 74 -10.46 -34.30 -35.89
N ALA A 75 -11.64 -34.92 -35.81
CA ALA A 75 -12.80 -34.28 -35.21
C ALA A 75 -12.55 -33.96 -33.74
N CYS A 76 -11.92 -34.90 -33.03
CA CYS A 76 -11.59 -34.68 -31.61
C CYS A 76 -10.60 -33.53 -31.45
N PHE A 77 -9.56 -33.48 -32.29
CA PHE A 77 -8.59 -32.39 -32.20
C PHE A 77 -9.23 -31.03 -32.51
N LEU A 78 -10.05 -30.96 -33.57
CA LEU A 78 -10.72 -29.71 -33.92
C LEU A 78 -11.70 -29.27 -32.83
N SER A 79 -12.45 -30.22 -32.29
CA SER A 79 -13.39 -29.91 -31.20
C SER A 79 -12.66 -29.41 -29.97
N LEU A 80 -11.52 -30.04 -29.64
CA LEU A 80 -10.72 -29.60 -28.51
C LEU A 80 -10.20 -28.18 -28.72
N LEU A 81 -9.75 -27.87 -29.94
CA LEU A 81 -9.26 -26.53 -30.24
C LEU A 81 -10.37 -25.48 -30.14
N ILE A 82 -11.56 -25.79 -30.68
CA ILE A 82 -12.68 -24.84 -30.62
C ILE A 82 -13.15 -24.63 -29.18
N LEU A 83 -13.26 -25.71 -28.40
CA LEU A 83 -13.65 -25.61 -27.00
C LEU A 83 -12.63 -24.83 -26.16
N SER A 84 -11.34 -25.12 -26.35
CA SER A 84 -10.29 -24.40 -25.65
C SER A 84 -10.29 -22.92 -26.01
N THR A 85 -10.47 -22.61 -27.30
CA THR A 85 -10.49 -21.22 -27.76
C THR A 85 -11.66 -20.46 -27.15
N LEU A 86 -12.86 -21.08 -27.15
CA LEU A 86 -14.03 -20.47 -26.56
C LEU A 86 -13.89 -20.29 -25.06
N LEU A 87 -13.38 -21.32 -24.37
CA LEU A 87 -13.23 -21.25 -22.92
C LEU A 87 -12.23 -20.18 -22.50
N GLY A 88 -11.08 -20.12 -23.17
CA GLY A 88 -10.06 -19.13 -22.82
C GLY A 88 -10.51 -17.70 -23.11
N ASN A 89 -11.08 -17.48 -24.30
CA ASN A 89 -11.52 -16.13 -24.65
C ASN A 89 -12.71 -15.68 -23.81
N THR A 90 -13.67 -16.58 -23.56
CA THR A 90 -14.81 -16.26 -22.71
C THR A 90 -14.36 -15.97 -21.30
N LEU A 91 -13.38 -16.73 -20.80
CA LEU A 91 -12.83 -16.51 -19.46
C LEU A 91 -12.16 -15.14 -19.36
N VAL A 92 -11.40 -14.73 -20.39
CA VAL A 92 -10.77 -13.41 -20.38
C VAL A 92 -11.82 -12.30 -20.40
N CYS A 93 -12.85 -12.45 -21.24
CA CYS A 93 -13.91 -11.45 -21.30
C CYS A 93 -14.71 -11.38 -20.00
N ALA A 94 -15.02 -12.54 -19.40
CA ALA A 94 -15.73 -12.58 -18.13
C ALA A 94 -14.91 -11.92 -17.04
N ALA A 95 -13.59 -12.16 -17.04
CA ALA A 95 -12.71 -11.54 -16.05
C ALA A 95 -12.67 -10.02 -16.20
N VAL A 96 -12.46 -9.51 -17.42
CA VAL A 96 -12.41 -8.05 -17.60
C VAL A 96 -13.76 -7.39 -17.30
N ILE A 97 -14.87 -7.98 -17.74
CA ILE A 97 -16.19 -7.40 -17.50
C ILE A 97 -16.56 -7.43 -16.02
N ARG A 98 -16.37 -8.58 -15.36
CA ARG A 98 -16.78 -8.71 -13.96
C ARG A 98 -15.80 -8.13 -12.94
N PHE A 99 -14.56 -7.84 -13.32
CA PHE A 99 -13.60 -7.27 -12.38
C PHE A 99 -13.23 -5.86 -12.82
N ARG A 100 -13.33 -4.92 -11.88
CA ARG A 100 -13.22 -3.50 -12.18
C ARG A 100 -11.77 -3.07 -12.40
N HIS A 101 -10.84 -3.62 -11.62
CA HIS A 101 -9.43 -3.23 -11.71
C HIS A 101 -8.85 -3.53 -13.09
N LEU A 102 -9.21 -4.68 -13.67
CA LEU A 102 -8.77 -5.00 -15.03
C LEU A 102 -9.34 -4.03 -16.04
N ARG A 103 -10.64 -3.70 -15.91
CA ARG A 103 -11.31 -2.80 -16.83
C ARG A 103 -10.76 -1.37 -16.75
N SER A 104 -10.37 -0.93 -15.54
CA SER A 104 -9.94 0.45 -15.31
C SER A 104 -8.70 0.84 -16.13
N LYS A 105 -7.73 -0.07 -16.28
CA LYS A 105 -6.48 0.29 -16.93
C LYS A 105 -6.66 0.44 -18.43
N VAL A 106 -5.98 1.45 -18.98
CA VAL A 106 -6.11 1.79 -20.41
C VAL A 106 -5.41 0.73 -21.27
N THR A 107 -4.32 0.15 -20.77
CA THR A 107 -3.56 -0.86 -21.50
C THR A 107 -4.40 -2.10 -21.76
N ASN A 108 -5.23 -2.49 -20.80
CA ASN A 108 -6.09 -3.67 -20.91
C ASN A 108 -7.14 -3.55 -22.01
N PHE A 109 -7.50 -2.33 -22.46
CA PHE A 109 -8.50 -2.15 -23.51
C PHE A 109 -8.13 -2.89 -24.78
N PHE A 110 -6.85 -2.82 -25.15
CA PHE A 110 -6.35 -3.53 -26.32
C PHE A 110 -6.46 -5.05 -26.14
N VAL A 111 -6.15 -5.53 -24.93
CA VAL A 111 -6.27 -6.95 -24.61
C VAL A 111 -7.73 -7.40 -24.73
N ILE A 112 -8.66 -6.54 -24.29
CA ILE A 112 -10.09 -6.81 -24.41
C ILE A 112 -10.49 -6.90 -25.88
N SER A 113 -9.95 -5.98 -26.70
CA SER A 113 -10.23 -6.00 -28.14
C SER A 113 -9.69 -7.28 -28.79
N LEU A 114 -8.49 -7.70 -28.37
CA LEU A 114 -7.90 -8.94 -28.86
C LEU A 114 -8.75 -10.14 -28.46
N ALA A 115 -9.24 -10.14 -27.22
CA ALA A 115 -10.10 -11.23 -26.74
C ALA A 115 -11.41 -11.28 -27.52
N VAL A 116 -11.98 -10.12 -27.84
CA VAL A 116 -13.20 -10.06 -28.64
C VAL A 116 -12.95 -10.60 -30.05
N SER A 117 -11.81 -10.24 -30.65
CA SER A 117 -11.46 -10.75 -31.98
C SER A 117 -11.26 -12.26 -31.95
N ASP A 118 -10.59 -12.77 -30.92
CA ASP A 118 -10.40 -14.21 -30.75
C ASP A 118 -11.73 -14.91 -30.54
N LEU A 119 -12.66 -14.26 -29.82
CA LEU A 119 -13.99 -14.82 -29.61
C LEU A 119 -14.72 -14.93 -30.94
N LEU A 120 -14.58 -13.91 -31.77
CA LEU A 120 -15.19 -13.92 -33.09
C LEU A 120 -14.63 -15.06 -33.94
N VAL A 121 -13.31 -15.30 -33.82
CA VAL A 121 -12.68 -16.42 -34.55
C VAL A 121 -13.27 -17.75 -34.07
N ALA A 122 -13.41 -17.90 -32.75
CA ALA A 122 -13.96 -19.13 -32.18
C ALA A 122 -15.43 -19.33 -32.51
N VAL A 123 -16.24 -18.28 -32.40
CA VAL A 123 -17.68 -18.38 -32.65
C VAL A 123 -18.00 -18.54 -34.14
N LEU A 124 -17.45 -17.68 -34.99
CA LEU A 124 -17.90 -17.66 -36.39
C LEU A 124 -16.97 -18.31 -37.42
N VAL A 125 -15.72 -18.60 -37.11
CA VAL A 125 -14.74 -18.95 -38.15
C VAL A 125 -14.33 -20.42 -38.06
N MET A 126 -13.83 -20.85 -36.91
CA MET A 126 -13.40 -22.24 -36.73
C MET A 126 -14.50 -23.32 -36.83
N PRO A 127 -15.72 -23.17 -36.26
CA PRO A 127 -16.69 -24.30 -36.35
C PRO A 127 -17.13 -24.66 -37.76
N TRP A 128 -17.41 -23.68 -38.62
CA TRP A 128 -17.87 -23.99 -39.97
C TRP A 128 -16.79 -24.71 -40.79
N LYS A 129 -15.54 -24.27 -40.65
CA LYS A 129 -14.43 -24.95 -41.33
C LYS A 129 -14.25 -26.35 -40.79
N ALA A 130 -14.36 -26.53 -39.46
CA ALA A 130 -14.23 -27.86 -38.87
C ALA A 130 -15.35 -28.79 -39.33
N VAL A 131 -16.57 -28.29 -39.39
CA VAL A 131 -17.72 -29.06 -39.86
C VAL A 131 -17.54 -29.46 -41.32
N ALA A 132 -17.04 -28.53 -42.13
CA ALA A 132 -16.79 -28.81 -43.55
C ALA A 132 -15.72 -29.88 -43.74
N GLU A 133 -14.62 -29.78 -42.97
CA GLU A 133 -13.55 -30.77 -43.07
C GLU A 133 -14.00 -32.15 -42.60
N ILE A 134 -14.74 -32.22 -41.49
CA ILE A 134 -15.24 -33.51 -40.99
C ILE A 134 -16.23 -34.11 -41.97
N ALA A 135 -17.16 -33.30 -42.48
CA ALA A 135 -18.13 -33.76 -43.47
C ALA A 135 -17.46 -34.10 -44.79
N GLY A 136 -16.43 -33.35 -45.17
CA GLY A 136 -15.83 -33.47 -46.47
C GLY A 136 -16.40 -32.54 -47.53
N PHE A 137 -17.41 -31.74 -47.18
CA PHE A 137 -18.04 -30.84 -48.12
C PHE A 137 -18.56 -29.62 -47.38
N TRP A 138 -18.83 -28.57 -48.13
CA TRP A 138 -19.39 -27.33 -47.58
C TRP A 138 -20.87 -27.28 -47.90
N PRO A 139 -21.76 -27.42 -46.91
CA PRO A 139 -23.20 -27.47 -47.24
C PRO A 139 -23.81 -26.14 -47.62
N PHE A 140 -23.47 -25.05 -46.92
CA PHE A 140 -24.16 -23.76 -47.09
C PHE A 140 -23.39 -22.94 -48.11
N GLY A 141 -23.75 -23.12 -49.38
CA GLY A 141 -22.98 -22.54 -50.49
C GLY A 141 -23.01 -21.01 -50.52
N SER A 142 -24.16 -20.41 -50.26
CA SER A 142 -24.28 -18.96 -50.22
C SER A 142 -23.47 -18.37 -49.08
N PHE A 143 -23.45 -19.05 -47.93
CA PHE A 143 -22.75 -18.61 -46.74
C PHE A 143 -21.22 -18.57 -46.90
N CYS A 144 -20.67 -19.31 -47.88
CA CYS A 144 -19.21 -19.41 -48.05
C CYS A 144 -18.52 -18.07 -48.28
N ASN A 145 -19.08 -17.19 -49.12
CA ASN A 145 -18.48 -15.88 -49.35
C ASN A 145 -18.49 -15.02 -48.08
N ILE A 146 -19.60 -15.03 -47.35
CA ILE A 146 -19.73 -14.29 -46.11
C ILE A 146 -18.76 -14.85 -45.07
N TRP A 147 -18.62 -16.18 -45.04
CA TRP A 147 -17.68 -16.83 -44.12
C TRP A 147 -16.25 -16.44 -44.42
N VAL A 148 -15.89 -16.35 -45.71
CA VAL A 148 -14.56 -15.91 -46.10
C VAL A 148 -14.31 -14.49 -45.64
N ALA A 149 -15.33 -13.62 -45.79
CA ALA A 149 -15.22 -12.24 -45.31
C ALA A 149 -15.04 -12.18 -43.80
N PHE A 150 -15.80 -13.00 -43.05
CA PHE A 150 -15.64 -13.07 -41.60
C PHE A 150 -14.26 -13.61 -41.22
N ASP A 151 -13.77 -14.61 -41.94
CA ASP A 151 -12.47 -15.21 -41.65
C ASP A 151 -11.36 -14.19 -41.82
N ILE A 152 -11.41 -13.42 -42.92
CA ILE A 152 -10.41 -12.38 -43.16
C ILE A 152 -10.52 -11.28 -42.11
N MET A 153 -11.74 -10.84 -41.78
CA MET A 153 -11.91 -9.76 -40.80
C MET A 153 -11.43 -10.17 -39.42
N CYS A 154 -11.80 -11.37 -38.99
CA CYS A 154 -11.42 -11.87 -37.66
C CYS A 154 -9.91 -12.09 -37.54
N SER A 155 -9.30 -12.76 -38.52
CA SER A 155 -7.87 -13.01 -38.47
C SER A 155 -7.06 -11.71 -38.54
N THR A 156 -7.45 -10.80 -39.44
CA THR A 156 -6.76 -9.51 -39.53
C THR A 156 -6.95 -8.68 -38.28
N ALA A 157 -8.15 -8.71 -37.69
CA ALA A 157 -8.41 -7.97 -36.46
C ALA A 157 -7.55 -8.49 -35.33
N SER A 158 -7.39 -9.82 -35.24
CA SER A 158 -6.55 -10.40 -34.19
C SER A 158 -5.07 -10.02 -34.38
N ILE A 159 -4.57 -10.11 -35.62
CA ILE A 159 -3.17 -9.76 -35.89
C ILE A 159 -2.92 -8.26 -35.67
N LEU A 160 -3.85 -7.41 -36.13
CA LEU A 160 -3.73 -5.97 -35.92
C LEU A 160 -3.80 -5.62 -34.45
N ASN A 161 -4.66 -6.31 -33.68
CA ASN A 161 -4.72 -6.11 -32.24
C ASN A 161 -3.40 -6.46 -31.58
N LEU A 162 -2.75 -7.55 -32.05
CA LEU A 162 -1.43 -7.91 -31.53
C LEU A 162 -0.40 -6.83 -31.84
N CYS A 163 -0.47 -6.26 -33.06
CA CYS A 163 0.44 -5.18 -33.44
C CYS A 163 0.21 -3.94 -32.59
N VAL A 164 -1.06 -3.59 -32.34
CA VAL A 164 -1.39 -2.42 -31.51
C VAL A 164 -0.92 -2.65 -30.06
N ILE A 165 -1.07 -3.89 -29.55
CA ILE A 165 -0.57 -4.21 -28.21
C ILE A 165 0.94 -4.04 -28.14
N SER A 166 1.65 -4.46 -29.19
CA SER A 166 3.10 -4.29 -29.25
C SER A 166 3.46 -2.80 -29.26
N VAL A 167 2.73 -1.99 -30.03
CA VAL A 167 2.97 -0.55 -30.10
C VAL A 167 2.71 0.09 -28.73
N ASP A 168 1.66 -0.37 -28.04
CA ASP A 168 1.33 0.13 -26.71
C ASP A 168 2.45 -0.19 -25.72
N ARG A 169 2.98 -1.41 -25.78
CA ARG A 169 4.08 -1.81 -24.90
C ARG A 169 5.33 -1.00 -25.18
N TYR A 170 5.63 -0.76 -26.46
CA TYR A 170 6.81 0.05 -26.82
C TYR A 170 6.65 1.49 -26.36
N TRP A 171 5.46 2.05 -26.53
CA TRP A 171 5.22 3.43 -26.12
C TRP A 171 5.32 3.57 -24.60
N ALA A 172 4.76 2.61 -23.85
CA ALA A 172 4.84 2.65 -22.40
C ALA A 172 6.27 2.45 -21.88
N ILE A 173 6.98 1.46 -22.40
CA ILE A 173 8.34 1.18 -21.94
C ILE A 173 9.32 2.25 -22.39
N SER A 174 9.25 2.66 -23.66
CA SER A 174 10.18 3.65 -24.20
C SER A 174 9.98 5.04 -23.60
N SER A 175 8.78 5.58 -23.71
CA SER A 175 8.48 6.96 -23.29
C SER A 175 7.35 6.94 -22.28
N PRO A 176 7.63 6.61 -21.01
CA PRO A 176 6.55 6.36 -20.04
C PRO A 176 5.76 7.59 -19.64
N PHE A 177 6.44 8.71 -19.38
CA PHE A 177 5.75 9.95 -19.02
C PHE A 177 4.90 10.43 -20.18
N ARG A 178 5.46 10.35 -21.40
CA ARG A 178 4.74 10.69 -22.61
C ARG A 178 3.57 9.73 -22.81
N TYR A 179 3.78 8.46 -22.48
CA TYR A 179 2.71 7.47 -22.59
C TYR A 179 1.55 7.80 -21.66
N GLU A 180 1.86 8.20 -20.43
CA GLU A 180 0.81 8.56 -19.46
C GLU A 180 0.03 9.78 -19.92
N ARG A 181 0.73 10.82 -20.38
CA ARG A 181 0.03 12.03 -20.84
C ARG A 181 -0.74 11.79 -22.14
N LYS A 182 -0.10 11.18 -23.14
CA LYS A 182 -0.74 10.97 -24.44
C LYS A 182 -1.88 9.96 -24.38
N MET A 183 -1.58 8.72 -23.96
CA MET A 183 -2.51 7.60 -24.15
C MET A 183 -3.66 7.70 -23.15
N THR A 184 -4.65 8.50 -23.52
CA THR A 184 -5.93 8.59 -22.84
C THR A 184 -6.77 7.36 -23.20
N PRO A 185 -7.89 7.13 -22.49
CA PRO A 185 -8.90 6.19 -23.02
C PRO A 185 -9.37 6.51 -24.43
N LYS A 186 -9.54 7.80 -24.77
CA LYS A 186 -9.94 8.19 -26.11
C LYS A 186 -8.91 7.77 -27.16
N ALA A 187 -7.61 7.91 -26.85
CA ALA A 187 -6.55 7.48 -27.76
C ALA A 187 -6.58 5.97 -27.98
N ALA A 188 -6.85 5.22 -26.91
CA ALA A 188 -6.97 3.77 -27.00
C ALA A 188 -8.16 3.40 -27.88
N PHE A 189 -9.27 4.12 -27.73
CA PHE A 189 -10.45 3.90 -28.55
C PHE A 189 -10.16 4.18 -30.01
N ILE A 190 -9.40 5.25 -30.28
CA ILE A 190 -9.02 5.59 -31.66
C ILE A 190 -8.15 4.49 -32.28
N LEU A 191 -7.19 3.96 -31.51
CA LEU A 191 -6.34 2.88 -32.02
C LEU A 191 -7.12 1.60 -32.30
N ILE A 192 -8.02 1.22 -31.38
CA ILE A 192 -8.84 0.02 -31.58
C ILE A 192 -9.78 0.22 -32.78
N SER A 193 -10.37 1.42 -32.90
CA SER A 193 -11.26 1.72 -34.02
C SER A 193 -10.51 1.68 -35.34
N VAL A 194 -9.28 2.21 -35.38
CA VAL A 194 -8.47 2.17 -36.60
C VAL A 194 -8.14 0.73 -37.00
N ALA A 195 -7.81 -0.12 -36.01
CA ALA A 195 -7.50 -1.51 -36.31
C ALA A 195 -8.71 -2.27 -36.88
N TRP A 196 -9.85 -2.16 -36.19
CA TRP A 196 -11.07 -2.82 -36.66
C TRP A 196 -11.56 -2.24 -37.99
N THR A 197 -11.44 -0.92 -38.16
CA THR A 197 -11.83 -0.27 -39.40
C THR A 197 -10.98 -0.75 -40.57
N LEU A 198 -9.66 -0.88 -40.36
CA LEU A 198 -8.78 -1.40 -41.42
C LEU A 198 -9.13 -2.83 -41.77
N SER A 199 -9.44 -3.66 -40.75
CA SER A 199 -9.82 -5.05 -41.00
C SER A 199 -11.10 -5.13 -41.82
N VAL A 200 -12.11 -4.33 -41.46
CA VAL A 200 -13.38 -4.33 -42.18
C VAL A 200 -13.19 -3.81 -43.61
N LEU A 201 -12.39 -2.75 -43.78
CA LEU A 201 -12.14 -2.17 -45.11
C LEU A 201 -11.42 -3.14 -46.02
N ILE A 202 -10.46 -3.90 -45.50
CA ILE A 202 -9.75 -4.84 -46.37
C ILE A 202 -10.45 -6.18 -46.47
N SER A 203 -11.52 -6.41 -45.71
CA SER A 203 -12.19 -7.71 -45.78
C SER A 203 -13.59 -7.67 -46.38
N PHE A 204 -14.54 -6.92 -45.78
CA PHE A 204 -15.91 -6.92 -46.30
C PHE A 204 -16.02 -6.26 -47.67
N ILE A 205 -15.35 -5.12 -47.87
CA ILE A 205 -15.44 -4.42 -49.16
C ILE A 205 -14.86 -5.21 -50.33
N PRO A 206 -13.68 -5.87 -50.25
CA PRO A 206 -13.25 -6.64 -51.43
C PRO A 206 -14.03 -7.91 -51.67
N VAL A 207 -14.41 -8.64 -50.61
CA VAL A 207 -15.14 -9.91 -50.76
C VAL A 207 -16.51 -9.68 -51.39
N GLN A 208 -17.26 -8.67 -50.91
CA GLN A 208 -18.59 -8.42 -51.44
C GLN A 208 -18.55 -7.88 -52.87
N LEU A 209 -17.47 -7.21 -53.26
CA LEU A 209 -17.28 -6.74 -54.62
C LEU A 209 -16.51 -7.74 -55.47
N SER A 210 -16.26 -8.95 -54.94
CA SER A 210 -15.57 -10.06 -55.63
C SER A 210 -14.15 -9.69 -56.05
N TRP A 211 -13.51 -8.82 -55.28
CA TRP A 211 -12.12 -8.44 -55.57
C TRP A 211 -11.14 -9.54 -55.19
N HIS A 212 -11.52 -10.42 -54.25
CA HIS A 212 -10.55 -11.34 -53.68
C HIS A 212 -10.24 -12.49 -54.63
N LYS A 213 -11.24 -13.02 -55.32
CA LYS A 213 -11.05 -14.23 -56.11
C LYS A 213 -10.37 -13.92 -57.44
N ALA A 214 -9.55 -14.87 -57.89
CA ALA A 214 -8.85 -14.72 -59.15
C ALA A 214 -9.82 -14.85 -60.32
N LYS A 215 -9.56 -14.07 -61.37
CA LYS A 215 -10.42 -14.11 -62.54
C LYS A 215 -10.19 -15.39 -63.33
N PRO A 216 -11.25 -15.99 -63.91
CA PRO A 216 -11.12 -17.21 -64.72
C PRO A 216 -10.35 -16.98 -66.01
N ASN A 233 -18.75 -27.15 -51.46
CA ASN A 233 -17.48 -26.68 -52.01
C ASN A 233 -17.26 -25.21 -51.70
N CYS A 234 -16.33 -24.93 -50.76
CA CYS A 234 -15.95 -23.57 -50.40
C CYS A 234 -14.44 -23.48 -50.54
N ASP A 235 -13.97 -23.27 -51.77
CA ASP A 235 -12.55 -23.09 -52.06
C ASP A 235 -12.39 -21.80 -52.84
N SER A 236 -11.56 -20.90 -52.32
CA SER A 236 -11.32 -19.60 -52.93
C SER A 236 -9.87 -19.48 -53.31
N SER A 237 -9.61 -19.20 -54.59
CA SER A 237 -8.27 -18.96 -55.09
C SER A 237 -8.10 -17.45 -55.20
N LEU A 238 -7.23 -16.88 -54.37
CA LEU A 238 -7.08 -15.44 -54.30
C LEU A 238 -6.32 -14.92 -55.52
N SER A 239 -6.74 -13.75 -56.01
CA SER A 239 -5.99 -13.08 -57.06
C SER A 239 -4.67 -12.56 -56.51
N ARG A 240 -3.70 -12.37 -57.41
CA ARG A 240 -2.34 -12.03 -57.02
C ARG A 240 -2.27 -10.66 -56.35
N THR A 241 -2.98 -9.68 -56.91
CA THR A 241 -3.01 -8.33 -56.35
C THR A 241 -3.63 -8.33 -54.96
N TYR A 242 -4.77 -9.02 -54.80
CA TYR A 242 -5.42 -9.08 -53.49
C TYR A 242 -4.60 -9.87 -52.49
N ALA A 243 -4.01 -11.00 -52.91
CA ALA A 243 -3.24 -11.83 -52.00
C ALA A 243 -2.01 -11.08 -51.47
N ILE A 244 -1.28 -10.39 -52.37
CA ILE A 244 -0.12 -9.62 -51.95
C ILE A 244 -0.52 -8.43 -51.08
N SER A 245 -1.56 -7.68 -51.49
CA SER A 245 -1.98 -6.50 -50.70
C SER A 245 -2.54 -6.90 -49.34
N SER A 246 -3.37 -7.94 -49.30
CA SER A 246 -3.95 -8.42 -48.05
C SER A 246 -2.87 -8.99 -47.13
N SER A 247 -1.90 -9.72 -47.69
CA SER A 247 -0.82 -10.25 -46.86
C SER A 247 0.04 -9.14 -46.28
N VAL A 248 0.37 -8.12 -47.08
CA VAL A 248 1.19 -7.01 -46.60
C VAL A 248 0.47 -6.20 -45.51
N ILE A 249 -0.80 -5.85 -45.76
CA ILE A 249 -1.56 -5.10 -44.77
C ILE A 249 -1.86 -5.96 -43.54
N SER A 250 -2.28 -7.20 -43.76
CA SER A 250 -2.65 -8.13 -42.71
C SER A 250 -1.45 -8.55 -41.87
N PHE A 251 -0.39 -9.00 -42.51
CA PHE A 251 0.69 -9.71 -41.83
C PHE A 251 2.02 -8.98 -41.87
N TYR A 252 2.49 -8.58 -43.05
CA TYR A 252 3.88 -8.15 -43.22
C TYR A 252 4.16 -6.81 -42.53
N ILE A 253 3.27 -5.83 -42.68
CA ILE A 253 3.44 -4.55 -41.98
C ILE A 253 3.31 -4.76 -40.46
N PRO A 254 2.32 -5.53 -39.93
CA PRO A 254 2.34 -5.77 -38.46
C PRO A 254 3.56 -6.55 -37.99
N VAL A 255 4.03 -7.55 -38.75
CA VAL A 255 5.22 -8.30 -38.35
C VAL A 255 6.44 -7.39 -38.34
N ALA A 256 6.57 -6.50 -39.33
CA ALA A 256 7.69 -5.56 -39.37
C ALA A 256 7.65 -4.62 -38.18
N ILE A 257 6.46 -4.10 -37.85
CA ILE A 257 6.29 -3.21 -36.70
C ILE A 257 6.61 -3.96 -35.41
N MET A 258 6.10 -5.19 -35.27
CA MET A 258 6.36 -5.99 -34.08
C MET A 258 7.83 -6.35 -33.93
N ILE A 259 8.51 -6.71 -35.02
CA ILE A 259 9.94 -7.05 -34.93
C ILE A 259 10.76 -5.84 -34.50
N VAL A 260 10.49 -4.66 -35.09
CA VAL A 260 11.20 -3.45 -34.70
C VAL A 260 10.87 -3.07 -33.26
N THR A 261 9.59 -3.15 -32.89
CA THR A 261 9.11 -2.81 -31.57
C THR A 261 9.67 -3.72 -30.48
N TYR A 262 9.61 -5.03 -30.70
CA TYR A 262 10.13 -5.97 -29.71
C TYR A 262 11.66 -5.91 -29.63
N THR A 263 12.33 -5.67 -30.77
CA THR A 263 13.79 -5.50 -30.73
C THR A 263 14.18 -4.28 -29.89
N ARG A 264 13.45 -3.17 -30.07
CA ARG A 264 13.70 -1.98 -29.26
C ARG A 264 13.38 -2.21 -27.78
N ILE A 265 12.28 -2.92 -27.50
CA ILE A 265 11.92 -3.26 -26.12
C ILE A 265 12.99 -4.15 -25.50
N TYR A 266 13.52 -5.09 -26.28
CA TYR A 266 14.59 -5.97 -25.82
C TYR A 266 15.85 -5.17 -25.50
N ARG A 267 16.18 -4.19 -26.36
CA ARG A 267 17.36 -3.35 -26.11
C ARG A 267 17.20 -2.51 -24.85
N ILE A 268 16.02 -1.90 -24.67
CA ILE A 268 15.75 -1.10 -23.46
C ILE A 268 15.78 -1.97 -22.21
N ALA A 269 15.17 -3.16 -22.29
CA ALA A 269 15.16 -4.11 -21.17
C ALA A 269 16.56 -4.59 -20.85
N GLN A 270 17.37 -4.84 -21.89
CA GLN A 270 18.76 -5.27 -21.71
C GLN A 270 19.57 -4.19 -21.01
N LYS A 271 19.34 -2.92 -21.38
CA LYS A 271 20.04 -1.81 -20.72
C LYS A 271 19.65 -1.73 -19.24
N GLN A 272 18.35 -1.93 -18.95
CA GLN A 272 17.89 -1.92 -17.55
C GLN A 272 18.52 -3.08 -16.78
N ILE A 273 18.60 -4.26 -17.42
CA ILE A 273 19.22 -5.44 -16.81
C ILE A 273 20.70 -5.17 -16.54
N ARG A 274 21.38 -4.48 -17.46
CA ARG A 274 22.79 -4.14 -17.26
C ARG A 274 22.98 -3.22 -16.07
N ARG A 275 22.11 -2.20 -15.93
CA ARG A 275 22.21 -1.29 -14.78
C ARG A 275 21.94 -2.01 -13.46
N ILE A 276 20.87 -2.82 -13.40
CA ILE A 276 20.53 -3.54 -12.18
C ILE A 276 21.61 -4.57 -11.84
N ALA A 277 22.09 -5.30 -12.86
CA ALA A 277 23.14 -6.29 -12.68
C ALA A 277 24.43 -5.65 -12.20
N ALA A 278 24.77 -4.46 -12.73
CA ALA A 278 25.97 -3.75 -12.28
C ALA A 278 25.87 -3.37 -10.81
N LEU A 279 24.69 -2.88 -10.40
CA LEU A 279 24.50 -2.55 -8.98
C LEU A 279 24.57 -3.80 -8.10
N GLU A 280 23.97 -4.90 -8.57
CA GLU A 280 23.99 -6.16 -7.84
C GLU A 280 25.42 -6.71 -7.73
N ARG A 281 26.19 -6.61 -8.82
CA ARG A 281 27.59 -7.05 -8.81
C ARG A 281 28.41 -6.22 -7.82
N ALA A 282 28.16 -4.91 -7.78
CA ALA A 282 28.86 -4.05 -6.82
C ALA A 282 28.53 -4.46 -5.39
N ALA A 283 27.24 -4.76 -5.14
CA ALA A 283 26.83 -5.22 -3.82
C ALA A 283 27.46 -6.57 -3.44
N VAL A 284 27.52 -7.50 -4.39
CA VAL A 284 28.13 -8.81 -4.14
C VAL A 284 29.63 -8.67 -3.88
N HIS A 285 30.32 -7.82 -4.66
CA HIS A 285 31.75 -7.59 -4.46
C HIS A 285 32.00 -6.94 -3.09
N ALA A 286 31.13 -6.03 -2.68
CA ALA A 286 31.25 -5.39 -1.37
C ALA A 286 31.13 -6.40 -0.24
N LYS A 287 30.33 -7.45 -0.42
CA LYS A 287 30.23 -8.53 0.56
C LYS A 287 31.49 -9.38 0.58
N PHE A 312 22.61 -14.79 -15.17
CA PHE A 312 21.91 -14.28 -16.34
C PHE A 312 20.46 -14.76 -16.37
N LYS A 313 19.88 -14.95 -15.17
CA LYS A 313 18.51 -15.43 -15.06
C LYS A 313 17.51 -14.37 -15.53
N ARG A 314 17.76 -13.11 -15.17
CA ARG A 314 16.88 -12.00 -15.57
C ARG A 314 16.89 -11.81 -17.09
N GLU A 315 18.08 -11.88 -17.70
CA GLU A 315 18.20 -11.79 -19.15
C GLU A 315 17.49 -12.96 -19.82
N THR A 316 17.63 -14.15 -19.22
CA THR A 316 16.96 -15.35 -19.72
C THR A 316 15.45 -15.19 -19.66
N LYS A 317 14.93 -14.60 -18.57
CA LYS A 317 13.50 -14.38 -18.42
C LYS A 317 12.96 -13.39 -19.47
N VAL A 318 13.69 -12.29 -19.69
CA VAL A 318 13.27 -11.30 -20.69
C VAL A 318 13.31 -11.91 -22.08
N LEU A 319 14.39 -12.64 -22.39
CA LEU A 319 14.54 -13.29 -23.69
C LEU A 319 13.48 -14.36 -23.88
N LYS A 320 13.17 -15.10 -22.81
CA LYS A 320 12.16 -16.15 -22.85
C LYS A 320 10.77 -15.59 -23.14
N THR A 321 10.38 -14.51 -22.45
CA THR A 321 9.05 -13.93 -22.66
C THR A 321 8.92 -13.35 -24.08
N LEU A 322 9.93 -12.59 -24.53
CA LEU A 322 9.89 -12.04 -25.88
C LEU A 322 9.95 -13.14 -26.93
N SER A 323 10.79 -14.15 -26.69
CA SER A 323 10.92 -15.28 -27.59
C SER A 323 9.63 -16.07 -27.70
N VAL A 324 8.92 -16.27 -26.58
CA VAL A 324 7.65 -17.01 -26.61
C VAL A 324 6.61 -16.24 -27.42
N ILE A 325 6.51 -14.92 -27.21
CA ILE A 325 5.52 -14.13 -27.93
C ILE A 325 5.82 -14.10 -29.44
N MET A 326 7.07 -13.80 -29.79
CA MET A 326 7.46 -13.73 -31.20
C MET A 326 7.46 -15.11 -31.85
N GLY A 327 7.98 -16.13 -31.16
CA GLY A 327 8.04 -17.47 -31.73
C GLY A 327 6.67 -18.07 -31.98
N VAL A 328 5.75 -17.93 -31.02
CA VAL A 328 4.40 -18.47 -31.22
C VAL A 328 3.69 -17.73 -32.35
N PHE A 329 3.78 -16.39 -32.38
CA PHE A 329 3.11 -15.62 -33.44
C PHE A 329 3.70 -15.90 -34.83
N VAL A 330 5.03 -15.89 -34.95
CA VAL A 330 5.68 -16.13 -36.23
C VAL A 330 5.50 -17.58 -36.67
N CYS A 331 5.66 -18.55 -35.77
CA CYS A 331 5.51 -19.96 -36.11
C CYS A 331 4.08 -20.29 -36.54
N CYS A 332 3.09 -19.72 -35.85
CA CYS A 332 1.71 -19.99 -36.23
C CYS A 332 1.29 -19.30 -37.53
N TRP A 333 1.67 -18.04 -37.75
CA TRP A 333 1.14 -17.36 -38.94
C TRP A 333 2.08 -17.25 -40.13
N LEU A 334 3.40 -17.31 -39.96
CA LEU A 334 4.30 -17.16 -41.09
C LEU A 334 4.21 -18.23 -42.18
N PRO A 335 4.10 -19.56 -41.88
CA PRO A 335 3.96 -20.52 -42.98
C PRO A 335 2.68 -20.33 -43.80
N PHE A 336 1.57 -19.98 -43.13
CA PHE A 336 0.31 -19.74 -43.83
C PHE A 336 0.43 -18.58 -44.81
N PHE A 337 0.92 -17.43 -44.35
CA PHE A 337 1.04 -16.25 -45.22
C PHE A 337 2.03 -16.48 -46.35
N ILE A 338 3.15 -17.19 -46.08
CA ILE A 338 4.12 -17.48 -47.14
C ILE A 338 3.43 -18.32 -48.19
N LEU A 339 2.65 -19.31 -47.73
CA LEU A 339 1.89 -20.20 -48.65
C LEU A 339 0.83 -19.39 -49.40
N ASN A 340 0.19 -18.43 -48.72
CA ASN A 340 -0.87 -17.65 -49.33
C ASN A 340 -0.34 -16.84 -50.49
N CYS A 341 0.81 -16.20 -50.31
CA CYS A 341 1.40 -15.43 -51.40
C CYS A 341 1.84 -16.32 -52.56
N ILE A 342 2.44 -17.48 -52.24
CA ILE A 342 2.93 -18.42 -53.26
C ILE A 342 1.83 -19.04 -54.12
N LEU A 343 0.67 -19.36 -53.53
CA LEU A 343 -0.38 -20.08 -54.27
C LEU A 343 -0.96 -19.43 -55.54
N PRO A 344 -1.24 -18.11 -55.63
CA PRO A 344 -1.81 -17.60 -56.89
C PRO A 344 -0.86 -17.68 -58.07
N PHE A 345 0.43 -17.40 -57.86
CA PHE A 345 1.41 -17.42 -58.93
C PHE A 345 1.59 -18.82 -59.52
N CYS A 346 1.60 -19.85 -58.68
CA CYS A 346 1.77 -21.22 -59.16
C CYS A 346 0.61 -21.65 -60.06
N GLY A 347 -0.61 -21.32 -59.67
CA GLY A 347 -1.79 -21.69 -60.44
C GLY A 347 -2.35 -20.56 -61.27
N CYS A 355 2.89 -25.95 -56.77
CA CYS A 355 1.51 -25.83 -56.31
C CYS A 355 1.27 -26.73 -55.10
N ILE A 356 1.10 -26.07 -53.97
CA ILE A 356 1.16 -26.73 -52.68
C ILE A 356 -0.16 -27.45 -52.40
N ASP A 357 -0.07 -28.60 -51.74
CA ASP A 357 -1.24 -29.43 -51.42
C ASP A 357 -2.21 -28.71 -50.51
N SER A 358 -3.49 -29.07 -50.67
CA SER A 358 -4.58 -28.42 -49.97
C SER A 358 -4.61 -28.81 -48.49
N ASN A 359 -4.32 -30.07 -48.18
CA ASN A 359 -4.31 -30.54 -46.79
C ASN A 359 -3.26 -29.83 -45.97
N THR A 360 -2.06 -29.64 -46.53
CA THR A 360 -1.01 -28.93 -45.80
C THR A 360 -1.42 -27.49 -45.54
N PHE A 361 -2.00 -26.84 -46.56
CA PHE A 361 -2.51 -25.46 -46.42
C PHE A 361 -3.55 -25.41 -45.28
N ASP A 362 -4.49 -26.37 -45.26
CA ASP A 362 -5.52 -26.39 -44.23
C ASP A 362 -4.87 -26.47 -42.85
N VAL A 363 -3.80 -27.28 -42.74
CA VAL A 363 -3.08 -27.41 -41.47
C VAL A 363 -2.48 -26.06 -41.07
N PHE A 364 -1.91 -25.34 -42.04
CA PHE A 364 -1.33 -24.02 -41.77
C PHE A 364 -2.41 -23.03 -41.31
N VAL A 365 -3.59 -23.10 -41.94
CA VAL A 365 -4.71 -22.23 -41.58
C VAL A 365 -5.15 -22.51 -40.15
N TRP A 366 -5.19 -23.81 -39.79
CA TRP A 366 -5.56 -24.20 -38.43
C TRP A 366 -4.52 -23.70 -37.43
N PHE A 367 -3.23 -23.72 -37.80
CA PHE A 367 -2.19 -23.20 -36.90
C PHE A 367 -2.42 -21.73 -36.64
N GLY A 368 -2.80 -20.98 -37.69
CA GLY A 368 -3.07 -19.56 -37.52
C GLY A 368 -4.21 -19.36 -36.54
N TRP A 369 -5.24 -20.22 -36.60
CA TRP A 369 -6.36 -20.14 -35.67
C TRP A 369 -5.92 -20.59 -34.26
N ALA A 370 -4.99 -21.54 -34.20
CA ALA A 370 -4.43 -22.02 -32.94
C ALA A 370 -3.73 -20.88 -32.19
N ASN A 371 -3.10 -19.97 -32.94
CA ASN A 371 -2.50 -18.79 -32.29
C ASN A 371 -3.56 -17.95 -31.58
N SER A 372 -4.75 -17.84 -32.18
CA SER A 372 -5.85 -17.14 -31.53
C SER A 372 -6.26 -17.87 -30.26
N SER A 373 -6.23 -19.21 -30.31
CA SER A 373 -6.51 -20.00 -29.11
C SER A 373 -5.45 -19.78 -28.03
N LEU A 374 -4.18 -19.64 -28.44
CA LEU A 374 -3.05 -19.46 -27.54
C LEU A 374 -2.87 -18.02 -27.05
N ASN A 375 -3.58 -17.05 -27.62
CA ASN A 375 -3.43 -15.66 -27.16
C ASN A 375 -3.78 -15.40 -25.69
N PRO A 376 -4.82 -16.00 -25.07
CA PRO A 376 -5.03 -15.75 -23.62
C PRO A 376 -3.87 -16.19 -22.75
N ILE A 377 -3.27 -17.35 -23.02
CA ILE A 377 -2.14 -17.83 -22.22
C ILE A 377 -0.95 -16.87 -22.35
N ILE A 378 -0.72 -16.35 -23.55
CA ILE A 378 0.35 -15.40 -23.80
C ILE A 378 0.10 -14.06 -23.08
N TYR A 379 -1.13 -13.55 -23.13
CA TYR A 379 -1.37 -12.22 -22.58
C TYR A 379 -2.13 -12.14 -21.25
N ALA A 380 -2.89 -13.16 -20.86
CA ALA A 380 -3.69 -13.06 -19.65
C ALA A 380 -3.20 -13.96 -18.52
N PHE A 381 -1.88 -14.18 -18.43
CA PHE A 381 -1.28 -14.70 -17.20
C PHE A 381 -0.57 -13.61 -16.40
N ASN A 382 -1.02 -12.36 -16.54
CA ASN A 382 -0.68 -11.32 -15.60
C ASN A 382 -1.32 -11.64 -14.24
N ALA A 383 -0.72 -11.09 -13.18
CA ALA A 383 -1.12 -11.43 -11.79
C ALA A 383 -2.58 -11.08 -11.51
N ASP A 384 -3.04 -9.92 -11.99
CA ASP A 384 -4.43 -9.55 -11.85
C ASP A 384 -5.34 -10.52 -12.62
N PHE A 385 -4.93 -10.87 -13.85
CA PHE A 385 -5.68 -11.84 -14.65
C PHE A 385 -5.67 -13.22 -14.00
N ARG A 386 -4.53 -13.62 -13.44
CA ARG A 386 -4.45 -14.92 -12.77
C ARG A 386 -5.38 -14.96 -11.55
N LYS A 387 -5.41 -13.87 -10.78
CA LYS A 387 -6.31 -13.78 -9.62
C LYS A 387 -7.76 -13.84 -10.06
N ALA A 388 -8.10 -13.12 -11.14
CA ALA A 388 -9.47 -13.12 -11.66
C ALA A 388 -9.86 -14.49 -12.18
N PHE A 389 -8.93 -15.20 -12.83
CA PHE A 389 -9.22 -16.53 -13.36
C PHE A 389 -9.41 -17.52 -12.24
N SER A 390 -8.57 -17.43 -11.20
CA SER A 390 -8.70 -18.31 -10.04
C SER A 390 -10.02 -18.07 -9.32
N THR A 391 -10.42 -16.80 -9.21
CA THR A 391 -11.70 -16.45 -8.57
C THR A 391 -12.89 -17.00 -9.36
N LEU A 392 -12.87 -16.81 -10.70
CA LEU A 392 -13.97 -17.31 -11.53
C LEU A 392 -14.04 -18.83 -11.56
N LEU A 393 -12.90 -19.51 -11.72
CA LEU A 393 -12.89 -20.98 -11.76
C LEU A 393 -13.28 -21.58 -10.42
N GLY A 394 -12.81 -20.99 -9.32
CA GLY A 394 -13.12 -21.48 -7.98
C GLY A 394 -14.58 -21.39 -7.58
N THR B 8 -45.22 11.59 -5.95
CA THR B 8 -43.78 11.48 -5.75
C THR B 8 -43.03 12.36 -6.74
N GLU B 9 -43.65 13.48 -7.12
CA GLU B 9 -43.02 14.42 -8.04
C GLU B 9 -41.81 15.09 -7.40
N ASP B 10 -41.92 15.46 -6.12
CA ASP B 10 -40.83 16.10 -5.39
C ASP B 10 -39.63 15.16 -5.26
N GLN B 11 -39.89 13.88 -5.00
CA GLN B 11 -38.81 12.89 -4.89
C GLN B 11 -38.08 12.73 -6.21
N ARG B 12 -38.83 12.71 -7.32
CA ARG B 12 -38.23 12.63 -8.65
C ARG B 12 -37.39 13.86 -8.96
N ASN B 13 -37.88 15.05 -8.57
CA ASN B 13 -37.13 16.28 -8.76
C ASN B 13 -35.83 16.27 -7.96
N GLU B 14 -35.89 15.80 -6.71
CA GLU B 14 -34.69 15.70 -5.87
C GLU B 14 -33.69 14.72 -6.46
N GLU B 15 -34.16 13.57 -6.96
CA GLU B 15 -33.29 12.58 -7.59
C GLU B 15 -32.64 13.15 -8.85
N LYS B 16 -33.40 13.90 -9.65
CA LYS B 16 -32.87 14.53 -10.85
C LYS B 16 -31.80 15.56 -10.50
N ALA B 17 -32.02 16.34 -9.44
CA ALA B 17 -31.03 17.31 -8.99
C ALA B 17 -29.77 16.63 -8.49
N GLN B 18 -29.92 15.52 -7.75
CA GLN B 18 -28.77 14.76 -7.28
C GLN B 18 -27.98 14.17 -8.44
N ARG B 19 -28.67 13.66 -9.47
CA ARG B 19 -27.99 13.12 -10.64
C ARG B 19 -27.25 14.21 -11.40
N GLU B 20 -27.83 15.41 -11.52
CA GLU B 20 -27.15 16.52 -12.17
C GLU B 20 -25.90 16.95 -11.40
N ALA B 21 -26.02 17.01 -10.07
CA ALA B 21 -24.87 17.36 -9.23
C ALA B 21 -23.78 16.30 -9.34
N ASN B 22 -24.18 15.02 -9.34
CA ASN B 22 -23.24 13.92 -9.48
C ASN B 22 -22.53 13.98 -10.83
N LYS B 23 -23.27 14.31 -11.90
CA LYS B 23 -22.67 14.43 -13.23
C LYS B 23 -21.63 15.54 -13.29
N LYS B 24 -21.95 16.70 -12.69
CA LYS B 24 -20.98 17.81 -12.66
C LYS B 24 -19.74 17.44 -11.84
N ILE B 25 -19.95 16.78 -10.70
CA ILE B 25 -18.84 16.33 -9.85
C ILE B 25 -17.99 15.30 -10.57
N GLU B 26 -18.62 14.37 -11.31
CA GLU B 26 -17.88 13.37 -12.08
C GLU B 26 -17.04 14.02 -13.18
N LYS B 27 -17.57 15.06 -13.84
CA LYS B 27 -16.78 15.76 -14.86
C LYS B 27 -15.56 16.44 -14.24
N GLN B 28 -15.76 17.08 -13.07
CA GLN B 28 -14.65 17.71 -12.36
C GLN B 28 -13.63 16.67 -11.91
N LEU B 29 -14.12 15.51 -11.43
CA LEU B 29 -13.25 14.42 -11.03
C LEU B 29 -12.46 13.85 -12.21
N GLN B 30 -13.07 13.77 -13.39
CA GLN B 30 -12.34 13.29 -14.56
C GLN B 30 -11.19 14.23 -14.92
N LYS B 31 -11.45 15.55 -14.87
CA LYS B 31 -10.37 16.51 -15.14
C LYS B 31 -9.26 16.41 -14.08
N ASP B 32 -9.67 16.27 -12.82
CA ASP B 32 -8.73 16.11 -11.72
C ASP B 32 -7.98 14.79 -11.83
N LYS B 33 -8.67 13.74 -12.30
CA LYS B 33 -8.06 12.44 -12.51
C LYS B 33 -6.96 12.51 -13.55
N GLN B 34 -7.19 13.25 -14.64
CA GLN B 34 -6.18 13.42 -15.67
C GLN B 34 -4.96 14.15 -15.10
N VAL B 35 -5.21 15.21 -14.32
CA VAL B 35 -4.11 15.95 -13.70
C VAL B 35 -3.35 15.08 -12.68
N TYR B 36 -4.08 14.31 -11.88
CA TYR B 36 -3.48 13.45 -10.86
C TYR B 36 -2.64 12.32 -11.46
N ARG B 37 -3.17 11.66 -12.50
CA ARG B 37 -2.42 10.58 -13.14
C ARG B 37 -1.18 11.12 -13.84
N ALA B 38 -1.29 12.29 -14.49
CA ALA B 38 -0.13 12.88 -15.16
C ALA B 38 0.95 13.27 -14.15
N THR B 39 0.57 13.61 -12.93
CA THR B 39 1.49 14.14 -11.93
C THR B 39 2.15 13.00 -11.14
N HIS B 40 3.41 13.21 -10.76
CA HIS B 40 4.22 12.24 -10.03
C HIS B 40 4.58 12.77 -8.65
N ARG B 41 4.33 11.95 -7.63
CA ARG B 41 4.56 12.32 -6.24
C ARG B 41 5.88 11.73 -5.72
N LEU B 42 6.71 12.61 -5.17
CA LEU B 42 8.01 12.25 -4.61
C LEU B 42 8.04 12.62 -3.14
N LEU B 43 8.49 11.70 -2.30
CA LEU B 43 8.65 11.97 -0.87
C LEU B 43 10.11 12.23 -0.56
N LEU B 44 10.43 13.37 0.03
CA LEU B 44 11.80 13.70 0.39
C LEU B 44 12.04 13.40 1.86
N LEU B 45 12.91 12.44 2.15
CA LEU B 45 13.25 12.10 3.52
C LEU B 45 14.76 12.24 3.71
N GLY B 46 15.15 13.00 4.73
CA GLY B 46 16.56 13.23 5.01
C GLY B 46 16.79 13.57 6.47
N ALA B 47 18.05 13.44 6.88
CA ALA B 47 18.44 13.72 8.25
C ALA B 47 18.44 15.22 8.53
N GLY B 48 18.47 15.56 9.82
CA GLY B 48 18.51 16.96 10.22
C GLY B 48 19.81 17.64 9.87
N GLU B 49 20.93 16.94 10.06
CA GLU B 49 22.23 17.48 9.63
C GLU B 49 22.33 17.54 8.12
N SER B 50 21.64 16.63 7.42
CA SER B 50 21.65 16.59 5.97
C SER B 50 20.96 17.82 5.38
N GLY B 51 21.45 18.24 4.21
CA GLY B 51 20.94 19.42 3.55
C GLY B 51 19.72 19.15 2.68
N LYS B 52 18.63 18.71 3.30
CA LYS B 52 17.36 18.59 2.56
C LYS B 52 16.81 19.96 2.18
N SER B 53 16.95 20.95 3.07
CA SER B 53 16.48 22.31 2.78
C SER B 53 17.27 22.95 1.65
N THR B 54 18.57 22.63 1.56
CA THR B 54 19.37 23.12 0.44
C THR B 54 18.87 22.53 -0.88
N ILE B 55 18.55 21.23 -0.87
CA ILE B 55 18.01 20.57 -2.06
C ILE B 55 16.66 21.14 -2.46
N VAL B 56 15.77 21.41 -1.50
CA VAL B 56 14.48 21.99 -1.87
C VAL B 56 14.65 23.42 -2.38
N LYS B 57 15.60 24.18 -1.80
CA LYS B 57 15.87 25.54 -2.27
C LYS B 57 16.37 25.54 -3.71
N GLN B 58 17.27 24.60 -4.03
CA GLN B 58 17.74 24.46 -5.42
C GLN B 58 16.61 23.97 -6.33
N MET B 59 15.78 23.06 -5.81
CA MET B 59 14.66 22.48 -6.57
C MET B 59 13.64 23.54 -6.99
N ARG B 60 13.32 24.47 -6.08
CA ARG B 60 12.39 25.53 -6.39
C ARG B 60 12.92 26.47 -7.47
N ILE B 61 14.22 26.73 -7.46
CA ILE B 61 14.85 27.58 -8.47
C ILE B 61 15.11 26.78 -9.75
N THR B 203 6.37 26.18 10.42
CA THR B 203 5.44 25.58 11.37
C THR B 203 4.49 24.60 10.69
N SER B 204 4.48 24.64 9.35
CA SER B 204 3.65 23.72 8.59
C SER B 204 4.21 22.30 8.69
N GLY B 205 3.30 21.32 8.74
CA GLY B 205 3.72 19.94 8.91
C GLY B 205 4.41 19.36 7.71
N ILE B 206 4.00 19.77 6.50
CA ILE B 206 4.58 19.23 5.28
C ILE B 206 4.79 20.39 4.31
N PHE B 207 5.84 20.29 3.50
CA PHE B 207 6.19 21.30 2.51
C PHE B 207 6.02 20.70 1.12
N GLU B 208 5.32 21.40 0.24
CA GLU B 208 5.10 20.89 -1.11
C GLU B 208 5.81 21.79 -2.12
N THR B 209 6.63 21.16 -2.97
CA THR B 209 7.35 21.82 -4.04
C THR B 209 6.77 21.33 -5.36
N LYS B 210 6.34 22.26 -6.19
CA LYS B 210 5.75 21.95 -7.48
C LYS B 210 6.74 22.33 -8.57
N PHE B 211 7.20 21.36 -9.35
CA PHE B 211 8.11 21.65 -10.44
C PHE B 211 7.80 20.75 -11.62
N GLN B 212 8.05 21.23 -12.83
CA GLN B 212 7.80 20.45 -14.03
C GLN B 212 9.07 20.34 -14.86
N VAL B 213 9.37 19.12 -15.30
CA VAL B 213 10.50 18.83 -16.15
C VAL B 213 9.98 18.12 -17.40
N ASP B 214 10.27 18.70 -18.57
CA ASP B 214 9.88 18.18 -19.89
C ASP B 214 8.36 17.97 -19.97
N LYS B 215 7.61 18.97 -19.47
CA LYS B 215 6.15 18.95 -19.35
C LYS B 215 5.69 17.74 -18.54
N VAL B 216 6.43 17.44 -17.47
CA VAL B 216 6.05 16.40 -16.51
C VAL B 216 5.95 17.06 -15.14
N ASN B 217 4.78 16.94 -14.52
CA ASN B 217 4.50 17.60 -13.24
C ASN B 217 4.95 16.73 -12.08
N PHE B 218 5.74 17.30 -11.18
CA PHE B 218 6.26 16.63 -10.00
C PHE B 218 5.89 17.42 -8.75
N HIS B 219 5.29 16.73 -7.78
CA HIS B 219 5.01 17.30 -6.47
C HIS B 219 5.93 16.58 -5.50
N MET B 220 6.76 17.34 -4.79
CA MET B 220 7.70 16.79 -3.84
C MET B 220 7.30 17.25 -2.45
N PHE B 221 7.18 16.29 -1.54
CA PHE B 221 6.75 16.58 -0.17
C PHE B 221 7.91 16.38 0.76
N ASP B 222 8.21 17.40 1.54
CA ASP B 222 9.32 17.42 2.48
C ASP B 222 8.76 17.50 3.89
N VAL B 223 9.19 16.56 4.73
CA VAL B 223 8.77 16.47 6.12
C VAL B 223 9.28 17.69 6.87
N GLY B 224 8.36 18.45 7.47
CA GLY B 224 8.72 19.65 8.18
C GLY B 224 8.47 19.55 9.68
N ALA B 225 7.38 20.15 10.14
CA ALA B 225 7.01 20.12 11.56
C ALA B 225 6.34 18.78 11.86
N GLN B 226 7.17 17.77 12.10
CA GLN B 226 6.71 16.43 12.44
C GLN B 226 7.57 15.88 13.57
N ARG B 227 6.99 14.93 14.30
CA ARG B 227 7.70 14.25 15.36
C ARG B 227 8.72 13.28 14.76
N ASP B 228 9.73 12.92 15.57
CA ASP B 228 10.76 11.97 15.14
C ASP B 228 10.16 10.59 14.86
N GLU B 229 9.09 10.23 15.57
CA GLU B 229 8.39 8.98 15.29
C GLU B 229 7.69 9.06 13.94
N ARG B 230 8.06 8.16 13.03
CA ARG B 230 7.68 8.29 11.62
C ARG B 230 6.95 7.08 11.05
N ARG B 231 6.69 6.04 11.84
CA ARG B 231 6.22 4.76 11.28
C ARG B 231 4.78 4.85 10.77
N LYS B 232 3.90 5.54 11.51
CA LYS B 232 2.50 5.63 11.11
C LYS B 232 2.30 6.47 9.85
N TRP B 233 2.99 7.59 9.71
CA TRP B 233 2.76 8.41 8.54
C TRP B 233 3.64 8.06 7.34
N ILE B 234 4.65 7.20 7.51
CA ILE B 234 5.42 6.77 6.35
C ILE B 234 4.57 5.87 5.47
N GLN B 235 3.59 5.17 6.07
CA GLN B 235 2.68 4.29 5.34
C GLN B 235 1.83 5.06 4.33
N CYS B 236 1.54 6.33 4.62
CA CYS B 236 0.76 7.18 3.73
C CYS B 236 1.44 7.41 2.39
N PHE B 237 2.77 7.37 2.36
CA PHE B 237 3.53 7.67 1.16
C PHE B 237 3.82 6.46 0.27
N ASN B 238 3.20 5.30 0.52
CA ASN B 238 3.44 4.17 -0.37
C ASN B 238 2.92 4.43 -1.78
N ASP B 239 1.80 5.16 -1.91
CA ASP B 239 1.15 5.42 -3.18
C ASP B 239 1.93 6.34 -4.10
N VAL B 240 2.99 7.00 -3.62
CA VAL B 240 3.74 7.97 -4.42
C VAL B 240 4.53 7.24 -5.49
N THR B 241 5.12 7.99 -6.42
CA THR B 241 5.95 7.35 -7.43
C THR B 241 7.32 7.01 -6.88
N ALA B 242 7.92 7.89 -6.07
CA ALA B 242 9.26 7.56 -5.58
C ALA B 242 9.56 8.27 -4.27
N ILE B 243 10.47 7.68 -3.50
CA ILE B 243 10.94 8.30 -2.27
C ILE B 243 12.39 8.68 -2.46
N ILE B 244 12.68 9.96 -2.36
CA ILE B 244 14.02 10.51 -2.50
C ILE B 244 14.62 10.58 -1.10
N PHE B 245 15.53 9.67 -0.81
CA PHE B 245 16.18 9.57 0.48
C PHE B 245 17.55 10.23 0.35
N VAL B 246 17.82 11.21 1.20
CA VAL B 246 19.09 11.94 1.17
C VAL B 246 19.85 11.62 2.45
N VAL B 247 21.10 11.18 2.30
CA VAL B 247 21.93 10.80 3.44
C VAL B 247 23.20 11.65 3.46
N ALA B 248 23.53 12.18 4.64
CA ALA B 248 24.73 12.97 4.84
C ALA B 248 25.83 12.08 5.40
N SER B 249 26.98 12.09 4.75
CA SER B 249 28.10 11.23 5.12
C SER B 249 29.18 12.08 5.77
N SER B 250 29.57 11.69 6.99
CA SER B 250 30.60 12.37 7.75
C SER B 250 31.75 11.41 8.02
N SER B 251 32.97 11.91 7.92
CA SER B 251 34.16 11.09 8.09
C SER B 251 35.23 11.80 8.92
N ASN B 260 30.12 16.74 20.26
CA ASN B 260 29.07 15.81 19.84
C ASN B 260 29.49 15.08 18.57
N GLN B 261 29.72 13.77 18.70
CA GLN B 261 30.07 12.92 17.57
C GLN B 261 29.21 11.66 17.64
N THR B 262 28.37 11.46 16.62
CA THR B 262 27.47 10.32 16.58
C THR B 262 27.57 9.65 15.21
N ASN B 263 27.19 8.38 15.18
CA ASN B 263 27.25 7.58 13.95
C ASN B 263 25.96 7.85 13.17
N ARG B 264 25.96 8.97 12.45
CA ARG B 264 24.80 9.36 11.66
C ARG B 264 24.60 8.44 10.46
N LEU B 265 25.70 8.00 9.85
CA LEU B 265 25.62 7.13 8.67
C LEU B 265 24.94 5.80 9.00
N GLN B 266 25.26 5.20 10.15
CA GLN B 266 24.61 3.94 10.55
C GLN B 266 23.12 4.15 10.76
N GLU B 267 22.74 5.29 11.36
CA GLU B 267 21.33 5.63 11.55
C GLU B 267 20.62 5.77 10.20
N ALA B 268 21.29 6.41 9.24
CA ALA B 268 20.76 6.55 7.90
C ALA B 268 20.60 5.20 7.21
N LEU B 269 21.57 4.30 7.41
CA LEU B 269 21.49 2.95 6.85
C LEU B 269 20.33 2.18 7.45
N ASN B 270 20.13 2.31 8.77
CA ASN B 270 19.02 1.65 9.45
C ASN B 270 17.68 2.20 8.95
N LEU B 271 17.60 3.52 8.77
CA LEU B 271 16.38 4.14 8.26
C LEU B 271 16.08 3.67 6.84
N PHE B 272 17.12 3.58 5.99
CA PHE B 272 16.94 3.08 4.63
C PHE B 272 16.49 1.63 4.64
N LYS B 273 17.08 0.83 5.54
CA LYS B 273 16.70 -0.58 5.69
C LYS B 273 15.25 -0.71 6.10
N SER B 274 14.81 0.14 7.04
CA SER B 274 13.42 0.14 7.50
C SER B 274 12.46 0.52 6.37
N ILE B 275 12.81 1.55 5.59
CA ILE B 275 11.98 1.97 4.47
C ILE B 275 11.89 0.87 3.42
N TRP B 276 13.03 0.24 3.12
CA TRP B 276 13.08 -0.84 2.13
C TRP B 276 12.28 -2.06 2.59
N ASN B 277 12.38 -2.40 3.88
CA ASN B 277 11.74 -3.55 4.47
C ASN B 277 10.32 -3.30 4.98
N ASN B 278 9.81 -2.08 4.86
CA ASN B 278 8.44 -1.80 5.29
C ASN B 278 7.45 -2.53 4.37
N ARG B 279 6.36 -3.01 4.98
CA ARG B 279 5.39 -3.87 4.31
C ARG B 279 4.75 -3.18 3.11
N TRP B 280 4.28 -1.96 3.30
CA TRP B 280 3.61 -1.26 2.22
C TRP B 280 4.56 -0.46 1.35
N LEU B 281 5.77 -0.19 1.85
CA LEU B 281 6.82 0.44 1.06
C LEU B 281 7.62 -0.57 0.23
N ARG B 282 7.15 -1.82 0.13
CA ARG B 282 7.78 -2.76 -0.80
C ARG B 282 7.59 -2.34 -2.25
N THR B 283 6.48 -1.67 -2.55
CA THR B 283 6.24 -1.22 -3.91
C THR B 283 7.12 -0.02 -4.26
N ILE B 284 7.45 0.82 -3.28
CA ILE B 284 8.03 2.12 -3.58
C ILE B 284 9.51 1.99 -3.91
N SER B 285 9.95 2.75 -4.92
CA SER B 285 11.35 2.79 -5.32
C SER B 285 12.02 4.01 -4.68
N VAL B 286 13.19 3.78 -4.10
CA VAL B 286 13.93 4.81 -3.40
C VAL B 286 15.04 5.35 -4.29
N ILE B 287 15.06 6.66 -4.48
CA ILE B 287 16.12 7.36 -5.17
C ILE B 287 17.06 7.86 -4.09
N LEU B 288 18.32 7.46 -4.12
CA LEU B 288 19.24 7.79 -3.04
C LEU B 288 20.23 8.86 -3.47
N PHE B 289 20.29 9.93 -2.69
CA PHE B 289 21.23 11.01 -2.90
C PHE B 289 22.20 11.02 -1.73
N LEU B 290 23.48 10.90 -2.04
CA LEU B 290 24.56 10.93 -1.06
C LEU B 290 25.04 12.37 -1.04
N ASN B 291 24.65 13.11 0.00
CA ASN B 291 24.99 14.52 0.13
C ASN B 291 26.42 14.67 0.65
N LYS B 292 26.95 15.90 0.48
CA LYS B 292 28.16 16.38 1.14
C LYS B 292 29.41 15.60 0.70
N GLN B 293 29.64 15.56 -0.61
CA GLN B 293 30.84 14.90 -1.12
C GLN B 293 32.09 15.71 -0.86
N ASP B 294 31.97 17.05 -0.94
CA ASP B 294 33.10 17.94 -0.68
C ASP B 294 33.63 17.79 0.73
N LEU B 295 32.73 17.66 1.72
CA LEU B 295 33.14 17.47 3.10
C LEU B 295 33.87 16.14 3.26
N LEU B 296 33.39 15.08 2.60
CA LEU B 296 34.06 13.78 2.64
C LEU B 296 35.45 13.87 2.03
N ALA B 297 35.58 14.58 0.90
CA ALA B 297 36.86 14.73 0.24
C ALA B 297 37.84 15.49 1.12
N GLU B 298 37.39 16.57 1.75
CA GLU B 298 38.26 17.35 2.65
C GLU B 298 38.68 16.55 3.86
N LYS B 299 37.76 15.80 4.46
CA LYS B 299 38.08 14.98 5.64
C LYS B 299 39.06 13.85 5.30
N VAL B 300 38.86 13.16 4.18
CA VAL B 300 39.77 12.09 3.78
C VAL B 300 41.16 12.65 3.43
N LEU B 301 41.20 13.78 2.71
CA LEU B 301 42.48 14.41 2.36
C LEU B 301 43.23 14.91 3.59
N ALA B 302 42.49 15.41 4.60
CA ALA B 302 43.11 15.90 5.83
C ALA B 302 43.85 14.80 6.59
N GLY B 303 43.41 13.54 6.45
CA GLY B 303 44.09 12.43 7.07
C GLY B 303 43.45 11.88 8.31
N LYS B 304 42.37 12.50 8.79
CA LYS B 304 41.60 12.01 9.93
C LYS B 304 40.25 11.54 9.42
N SER B 305 39.90 10.30 9.72
CA SER B 305 38.75 9.65 9.10
C SER B 305 37.95 8.91 10.15
N LYS B 306 36.65 9.18 10.21
CA LYS B 306 35.75 8.51 11.13
C LYS B 306 35.22 7.19 10.58
N ILE B 307 34.96 7.15 9.26
CA ILE B 307 34.36 5.98 8.60
C ILE B 307 35.22 4.73 8.79
N GLU B 308 36.56 4.87 8.74
CA GLU B 308 37.44 3.74 8.94
C GLU B 308 37.30 3.16 10.35
N ASP B 309 37.20 4.03 11.37
CA ASP B 309 36.98 3.56 12.74
C ASP B 309 35.60 2.93 12.90
N TYR B 310 34.56 3.57 12.34
CA TYR B 310 33.21 3.04 12.44
C TYR B 310 33.04 1.72 11.70
N PHE B 311 33.73 1.54 10.59
CA PHE B 311 33.53 0.36 9.75
C PHE B 311 34.79 -0.48 9.65
N PRO B 312 34.80 -1.70 10.22
CA PRO B 312 35.96 -2.60 10.03
C PRO B 312 36.09 -3.11 8.61
N GLU B 313 34.95 -3.38 7.96
CA GLU B 313 34.93 -3.89 6.59
C GLU B 313 35.55 -2.91 5.60
N PHE B 314 35.41 -1.60 5.86
CA PHE B 314 35.95 -0.56 4.99
C PHE B 314 37.47 -0.67 4.85
N ALA B 315 38.16 -1.03 5.94
CA ALA B 315 39.62 -1.18 5.92
C ALA B 315 40.05 -2.27 4.94
N ARG B 316 39.38 -3.44 5.01
CA ARG B 316 39.64 -4.52 4.06
C ARG B 316 38.59 -4.49 2.96
N TYR B 317 38.69 -3.46 2.13
CA TYR B 317 37.72 -3.22 1.07
C TYR B 317 38.42 -2.68 -0.18
N THR B 318 37.94 -3.10 -1.34
CA THR B 318 38.47 -2.68 -2.63
C THR B 318 37.41 -1.92 -3.41
N THR B 319 37.87 -0.94 -4.19
CA THR B 319 36.98 -0.16 -5.05
C THR B 319 36.45 -1.05 -6.17
N PRO B 320 35.14 -1.03 -6.45
CA PRO B 320 34.62 -1.85 -7.55
C PRO B 320 35.05 -1.34 -8.91
N GLU B 321 35.26 -2.28 -9.84
CA GLU B 321 35.73 -1.93 -11.17
C GLU B 321 34.66 -1.25 -12.01
N ASP B 322 33.38 -1.56 -11.76
CA ASP B 322 32.29 -0.90 -12.48
C ASP B 322 32.15 0.56 -12.11
N ALA B 323 32.66 0.96 -10.94
CA ALA B 323 32.62 2.35 -10.50
C ALA B 323 33.50 3.23 -11.38
N THR B 324 33.02 4.44 -11.64
CA THR B 324 33.74 5.40 -12.48
C THR B 324 34.29 6.53 -11.62
N PRO B 325 35.61 6.68 -11.52
CA PRO B 325 36.16 7.78 -10.71
C PRO B 325 36.41 9.04 -11.52
N GLU B 326 36.12 10.18 -10.89
CA GLU B 326 36.45 11.47 -11.48
C GLU B 326 37.96 11.68 -11.45
N PRO B 327 38.52 12.41 -12.43
CA PRO B 327 39.98 12.58 -12.44
C PRO B 327 40.52 13.47 -11.32
N GLY B 328 39.77 14.50 -10.91
CA GLY B 328 40.22 15.34 -9.83
C GLY B 328 40.16 14.68 -8.47
N GLU B 329 39.28 13.69 -8.31
CA GLU B 329 39.08 13.05 -7.02
C GLU B 329 40.25 12.15 -6.65
N ASP B 330 40.57 12.14 -5.36
CA ASP B 330 41.56 11.22 -4.80
C ASP B 330 41.01 9.80 -4.88
N PRO B 331 41.85 8.79 -5.14
CA PRO B 331 41.40 7.39 -5.04
C PRO B 331 40.79 7.00 -3.70
N ARG B 332 41.35 7.47 -2.58
CA ARG B 332 40.80 7.16 -1.25
C ARG B 332 39.40 7.73 -1.10
N VAL B 333 39.19 8.96 -1.59
CA VAL B 333 37.87 9.60 -1.52
C VAL B 333 36.86 8.81 -2.34
N THR B 334 37.26 8.35 -3.53
CA THR B 334 36.39 7.53 -4.37
C THR B 334 36.06 6.22 -3.68
N ARG B 335 37.04 5.63 -3.00
CA ARG B 335 36.81 4.36 -2.30
C ARG B 335 35.81 4.55 -1.16
N ALA B 336 35.91 5.65 -0.42
CA ALA B 336 34.94 5.91 0.65
C ALA B 336 33.54 6.16 0.11
N LYS B 337 33.43 6.94 -0.99
CA LYS B 337 32.14 7.25 -1.58
C LYS B 337 31.46 5.99 -2.12
N TYR B 338 32.22 5.18 -2.86
CA TYR B 338 31.68 3.94 -3.41
C TYR B 338 31.39 2.93 -2.31
N PHE B 339 32.19 2.91 -1.24
CA PHE B 339 31.91 2.01 -0.12
C PHE B 339 30.56 2.34 0.53
N ILE B 340 30.26 3.63 0.74
CA ILE B 340 28.96 4.02 1.29
C ILE B 340 27.84 3.64 0.32
N ARG B 341 28.08 3.86 -0.97
CA ARG B 341 27.12 3.52 -2.02
C ARG B 341 26.86 2.02 -2.03
N ASP B 342 27.92 1.23 -1.89
CA ASP B 342 27.83 -0.22 -1.83
C ASP B 342 27.10 -0.70 -0.60
N GLU B 343 27.28 -0.02 0.55
CA GLU B 343 26.53 -0.41 1.76
C GLU B 343 25.03 -0.26 1.54
N PHE B 344 24.63 0.86 0.93
CA PHE B 344 23.21 1.03 0.60
C PHE B 344 22.76 0.00 -0.43
N LEU B 345 23.61 -0.28 -1.43
CA LEU B 345 23.26 -1.29 -2.43
C LEU B 345 23.15 -2.69 -1.83
N ARG B 346 24.05 -3.04 -0.89
CA ARG B 346 23.98 -4.37 -0.27
C ARG B 346 22.69 -4.53 0.51
N ILE B 347 22.23 -3.46 1.18
CA ILE B 347 20.99 -3.53 1.94
C ILE B 347 19.79 -3.65 1.00
N SER B 348 19.77 -2.82 -0.05
CA SER B 348 18.66 -2.82 -1.00
C SER B 348 18.60 -4.11 -1.81
N THR B 349 19.74 -4.58 -2.33
CA THR B 349 19.79 -5.79 -3.13
C THR B 349 19.46 -7.04 -2.31
N ALA B 350 20.06 -7.17 -1.12
CA ALA B 350 19.80 -8.35 -0.29
C ALA B 350 18.37 -8.39 0.22
N SER B 351 17.86 -7.26 0.71
CA SER B 351 16.52 -7.23 1.29
C SER B 351 15.43 -7.46 0.25
N GLY B 352 15.54 -6.86 -0.92
CA GLY B 352 14.44 -6.80 -1.89
C GLY B 352 14.66 -7.74 -3.06
N ASP B 353 13.62 -8.50 -3.39
CA ASP B 353 13.66 -9.46 -4.50
C ASP B 353 13.03 -8.85 -5.76
N GLY B 354 13.65 -7.78 -6.26
CA GLY B 354 13.34 -7.27 -7.58
C GLY B 354 12.06 -6.47 -7.72
N ARG B 355 11.28 -6.29 -6.64
CA ARG B 355 10.06 -5.52 -6.74
C ARG B 355 10.34 -4.03 -6.92
N HIS B 356 11.36 -3.53 -6.22
CA HIS B 356 11.72 -2.12 -6.29
C HIS B 356 13.23 -1.98 -6.21
N TYR B 357 13.73 -0.86 -6.73
CA TYR B 357 15.16 -0.68 -6.96
C TYR B 357 15.63 0.66 -6.41
N CYS B 358 16.92 0.70 -6.10
CA CYS B 358 17.56 1.84 -5.46
C CYS B 358 18.50 2.54 -6.43
N TYR B 359 18.33 3.85 -6.59
CA TYR B 359 19.19 4.64 -7.48
C TYR B 359 20.13 5.50 -6.66
N PRO B 360 21.43 5.26 -6.72
CA PRO B 360 22.36 6.08 -5.92
C PRO B 360 23.08 7.17 -6.69
N HIS B 361 23.09 8.40 -6.14
CA HIS B 361 23.76 9.52 -6.79
C HIS B 361 24.67 10.24 -5.79
N PHE B 362 25.75 10.81 -6.32
CA PHE B 362 26.73 11.56 -5.54
C PHE B 362 26.49 13.05 -5.74
N THR B 363 26.11 13.76 -4.68
CA THR B 363 25.77 15.18 -4.79
C THR B 363 26.39 15.98 -3.64
N CYS B 364 26.60 17.26 -3.90
CA CYS B 364 27.06 18.20 -2.89
C CYS B 364 25.98 19.16 -2.43
N SER B 365 24.76 18.99 -2.96
CA SER B 365 23.51 19.74 -2.70
C SER B 365 23.51 21.15 -3.30
N VAL B 366 24.66 21.61 -3.79
CA VAL B 366 24.71 22.76 -4.68
C VAL B 366 25.05 22.17 -6.05
N ASP B 367 24.02 21.78 -6.79
CA ASP B 367 24.20 21.14 -8.09
C ASP B 367 22.93 21.34 -8.89
N THR B 368 23.09 21.86 -10.12
CA THR B 368 21.94 22.21 -10.93
C THR B 368 21.26 20.98 -11.52
N GLU B 369 22.05 19.98 -11.92
CA GLU B 369 21.54 18.79 -12.62
C GLU B 369 20.79 17.82 -11.72
N ASN B 370 20.61 18.12 -10.41
CA ASN B 370 19.96 17.20 -9.48
C ASN B 370 18.55 16.90 -9.89
N ILE B 371 17.81 17.94 -10.33
CA ILE B 371 16.44 17.80 -10.77
C ILE B 371 16.37 16.87 -11.97
N ARG B 372 17.35 17.04 -12.88
CA ARG B 372 17.43 16.19 -14.07
C ARG B 372 17.65 14.74 -13.69
N ARG B 373 18.53 14.52 -12.69
CA ARG B 373 18.79 13.19 -12.17
C ARG B 373 17.52 12.56 -11.64
N VAL B 374 16.73 13.36 -10.90
CA VAL B 374 15.48 12.88 -10.32
C VAL B 374 14.53 12.49 -11.43
N PHE B 375 14.47 13.34 -12.47
CA PHE B 375 13.59 13.08 -13.61
C PHE B 375 13.98 11.80 -14.31
N ASN B 376 15.30 11.61 -14.50
CA ASN B 376 15.80 10.42 -15.17
C ASN B 376 15.47 9.19 -14.34
N ASP B 377 15.67 9.30 -13.02
CA ASP B 377 15.39 8.19 -12.12
C ASP B 377 13.91 7.87 -12.12
N CYS B 378 13.07 8.91 -12.13
CA CYS B 378 11.63 8.70 -12.12
C CYS B 378 11.20 8.00 -13.39
N ARG B 379 11.81 8.40 -14.52
CA ARG B 379 11.49 7.77 -15.80
C ARG B 379 11.87 6.31 -15.77
N ASP B 380 13.06 6.03 -15.20
CA ASP B 380 13.55 4.67 -15.10
C ASP B 380 12.64 3.83 -14.23
N ILE B 381 12.13 4.42 -13.13
CA ILE B 381 11.25 3.70 -12.21
C ILE B 381 9.99 3.25 -12.92
N ILE B 382 9.39 4.16 -13.70
CA ILE B 382 8.17 3.83 -14.43
C ILE B 382 8.47 2.77 -15.47
N GLN B 383 9.64 2.89 -16.13
CA GLN B 383 10.03 1.91 -17.14
C GLN B 383 10.19 0.54 -16.52
N ARG B 384 10.82 0.47 -15.33
CA ARG B 384 10.99 -0.82 -14.66
C ARG B 384 9.63 -1.38 -14.26
N MET B 385 8.72 -0.49 -13.83
CA MET B 385 7.37 -0.91 -13.48
C MET B 385 6.67 -1.51 -14.69
N HIS B 386 6.84 -0.88 -15.86
CA HIS B 386 6.27 -1.42 -17.09
C HIS B 386 6.88 -2.77 -17.40
N LEU B 387 8.20 -2.89 -17.21
CA LEU B 387 8.88 -4.16 -17.42
C LEU B 387 8.36 -5.20 -16.44
N ARG B 388 8.09 -4.79 -15.21
CA ARG B 388 7.49 -5.69 -14.23
C ARG B 388 6.08 -6.08 -14.65
N GLN B 389 5.33 -5.11 -15.22
CA GLN B 389 3.94 -5.35 -15.62
C GLN B 389 3.83 -6.43 -16.69
N TYR B 390 4.70 -6.40 -17.70
CA TYR B 390 4.64 -7.38 -18.78
C TYR B 390 5.52 -8.59 -18.50
N GLU B 391 5.94 -8.78 -17.24
CA GLU B 391 6.69 -9.96 -16.75
C GLU B 391 8.04 -10.13 -17.42
N LEU B 392 8.66 -9.05 -17.88
CA LEU B 392 10.03 -9.15 -18.38
C LEU B 392 11.01 -9.29 -17.22
N LEU B 393 11.08 -8.30 -16.35
CA LEU B 393 11.97 -8.36 -15.20
C LEU B 393 11.42 -9.30 -14.12
N GLU C 16 16.37 11.67 42.90
CA GLU C 16 15.18 12.28 42.32
C GLU C 16 14.53 11.38 41.29
N LEU C 17 15.32 10.96 40.29
CA LEU C 17 14.80 10.07 39.25
C LEU C 17 14.53 8.67 39.79
N ASP C 18 15.44 8.16 40.63
CA ASP C 18 15.31 6.80 41.16
C ASP C 18 14.08 6.66 42.05
N GLN C 19 13.86 7.63 42.96
CA GLN C 19 12.71 7.57 43.85
C GLN C 19 11.39 7.70 43.09
N LEU C 20 11.33 8.60 42.10
CA LEU C 20 10.12 8.76 41.29
C LEU C 20 9.82 7.51 40.47
N ARG C 21 10.85 6.91 39.86
CA ARG C 21 10.65 5.68 39.10
C ARG C 21 10.20 4.53 39.98
N GLN C 22 10.80 4.39 41.18
CA GLN C 22 10.38 3.34 42.12
C GLN C 22 8.94 3.55 42.57
N GLU C 23 8.57 4.81 42.89
CA GLU C 23 7.21 5.11 43.30
C GLU C 23 6.21 4.82 42.18
N ALA C 24 6.59 5.15 40.94
CA ALA C 24 5.75 4.87 39.78
C ALA C 24 5.56 3.37 39.60
N GLU C 25 6.64 2.59 39.78
CA GLU C 25 6.54 1.14 39.68
C GLU C 25 5.63 0.57 40.77
N GLN C 26 5.74 1.10 42.00
CA GLN C 26 4.87 0.65 43.09
C GLN C 26 3.41 0.97 42.81
N LEU C 27 3.13 2.18 42.29
CA LEU C 27 1.75 2.55 41.94
C LEU C 27 1.22 1.67 40.82
N LYS C 28 2.06 1.37 39.83
CA LYS C 28 1.66 0.49 38.73
C LYS C 28 1.37 -0.91 39.23
N ASN C 29 2.19 -1.40 40.17
CA ASN C 29 1.96 -2.71 40.77
C ASN C 29 0.65 -2.73 41.56
N GLN C 30 0.36 -1.64 42.28
CA GLN C 30 -0.89 -1.53 43.03
C GLN C 30 -2.10 -1.56 42.10
N ILE C 31 -2.01 -0.85 40.97
CA ILE C 31 -3.09 -0.85 39.97
C ILE C 31 -3.27 -2.25 39.39
N ARG C 32 -2.16 -2.94 39.09
CA ARG C 32 -2.22 -4.30 38.58
C ARG C 32 -2.85 -5.26 39.59
N ASP C 33 -2.48 -5.12 40.87
CA ASP C 33 -3.05 -5.95 41.93
C ASP C 33 -4.55 -5.71 42.07
N ALA C 34 -4.97 -4.43 41.99
CA ALA C 34 -6.40 -4.10 42.06
C ALA C 34 -7.16 -4.69 40.89
N ARG C 35 -6.58 -4.62 39.68
CA ARG C 35 -7.20 -5.20 38.49
C ARG C 35 -7.30 -6.72 38.61
N LYS C 36 -6.25 -7.35 39.16
CA LYS C 36 -6.25 -8.79 39.36
C LYS C 36 -7.32 -9.19 40.37
N ALA C 37 -7.48 -8.40 41.43
CA ALA C 37 -8.51 -8.65 42.43
C ALA C 37 -9.92 -8.53 41.83
N CYS C 38 -10.12 -7.53 40.97
CA CYS C 38 -11.42 -7.34 40.32
C CYS C 38 -11.78 -8.50 39.40
N ALA C 39 -10.78 -9.17 38.82
CA ALA C 39 -10.99 -10.24 37.85
C ALA C 39 -11.36 -11.53 38.56
N ASP C 40 -12.61 -11.60 39.03
CA ASP C 40 -13.11 -12.82 39.65
C ASP C 40 -13.40 -13.89 38.60
N ALA C 41 -14.04 -13.51 37.49
CA ALA C 41 -14.31 -14.42 36.39
C ALA C 41 -14.24 -13.64 35.09
N THR C 42 -13.77 -14.30 34.03
CA THR C 42 -13.60 -13.62 32.76
C THR C 42 -14.94 -13.50 32.02
N LEU C 43 -14.93 -12.67 30.97
CA LEU C 43 -16.11 -12.50 30.13
C LEU C 43 -16.45 -13.78 29.36
N SER C 44 -15.43 -14.49 28.88
CA SER C 44 -15.63 -15.72 28.12
C SER C 44 -16.34 -16.80 28.93
N GLN C 45 -15.98 -16.93 30.22
CA GLN C 45 -16.61 -17.92 31.09
C GLN C 45 -18.10 -17.65 31.29
N ILE C 46 -18.47 -16.38 31.49
CA ILE C 46 -19.86 -16.00 31.68
C ILE C 46 -20.67 -16.25 30.40
N THR C 47 -20.09 -15.97 29.24
CA THR C 47 -20.80 -16.02 27.97
C THR C 47 -20.78 -17.39 27.32
N ASN C 48 -20.39 -18.45 28.05
CA ASN C 48 -20.44 -19.80 27.50
C ASN C 48 -21.88 -20.25 27.22
N ASN C 49 -22.81 -19.91 28.12
CA ASN C 49 -24.22 -20.29 27.94
C ASN C 49 -25.00 -19.20 27.20
N ILE C 50 -24.47 -18.79 26.05
CA ILE C 50 -25.09 -17.78 25.19
C ILE C 50 -25.19 -18.38 23.78
N ASP C 51 -26.36 -18.19 23.15
CA ASP C 51 -26.61 -18.63 21.79
C ASP C 51 -25.64 -17.94 20.83
N PRO C 52 -24.80 -18.67 20.11
CA PRO C 52 -23.86 -18.03 19.18
C PRO C 52 -24.56 -17.42 17.98
N VAL C 53 -23.93 -16.38 17.44
CA VAL C 53 -24.51 -15.64 16.32
C VAL C 53 -24.50 -16.47 15.05
N GLY C 54 -23.39 -17.14 14.77
CA GLY C 54 -23.27 -17.91 13.56
C GLY C 54 -22.64 -17.11 12.43
N ARG C 55 -22.68 -17.69 11.24
CA ARG C 55 -22.11 -17.05 10.06
C ARG C 55 -22.94 -15.85 9.64
N ILE C 56 -22.27 -14.74 9.36
CA ILE C 56 -22.91 -13.51 8.92
C ILE C 56 -22.50 -13.27 7.48
N GLN C 57 -23.43 -13.50 6.55
CA GLN C 57 -23.15 -13.39 5.12
C GLN C 57 -23.56 -11.99 4.63
N MET C 58 -22.76 -11.00 5.00
CA MET C 58 -22.95 -9.66 4.49
C MET C 58 -22.55 -9.60 3.01
N ARG C 59 -23.27 -8.79 2.26
CA ARG C 59 -22.98 -8.61 0.84
C ARG C 59 -22.83 -7.11 0.56
N THR C 60 -22.12 -6.79 -0.51
CA THR C 60 -21.86 -5.40 -0.90
C THR C 60 -23.05 -4.89 -1.69
N ARG C 61 -23.96 -4.22 -0.99
CA ARG C 61 -25.14 -3.64 -1.62
C ARG C 61 -24.77 -2.52 -2.57
N ARG C 62 -23.86 -1.63 -2.15
CA ARG C 62 -23.46 -0.49 -2.96
C ARG C 62 -21.95 -0.36 -2.99
N THR C 63 -21.42 0.04 -4.14
CA THR C 63 -20.00 0.30 -4.31
C THR C 63 -19.85 1.74 -4.80
N LEU C 64 -18.95 2.50 -4.16
CA LEU C 64 -18.78 3.91 -4.47
C LEU C 64 -17.52 4.14 -5.30
N ARG C 65 -17.66 4.93 -6.37
CA ARG C 65 -16.61 5.09 -7.38
C ARG C 65 -16.31 6.55 -7.64
N GLY C 66 -15.02 6.88 -7.71
CA GLY C 66 -14.60 8.25 -7.96
C GLY C 66 -13.43 8.71 -7.13
N HIS C 67 -12.83 7.81 -6.37
CA HIS C 67 -11.63 8.12 -5.59
C HIS C 67 -10.37 7.79 -6.39
N LEU C 68 -9.45 8.75 -6.43
CA LEU C 68 -8.23 8.59 -7.20
C LEU C 68 -7.17 7.86 -6.39
N ALA C 69 -6.83 8.40 -5.22
CA ALA C 69 -5.86 7.81 -4.33
C ALA C 69 -6.55 6.99 -3.26
N LYS C 70 -5.76 6.50 -2.32
CA LYS C 70 -6.27 5.60 -1.30
C LYS C 70 -7.13 6.35 -0.28
N ILE C 71 -8.17 5.67 0.18
CA ILE C 71 -9.14 6.24 1.11
C ILE C 71 -8.70 5.88 2.52
N TYR C 72 -8.24 6.86 3.29
CA TYR C 72 -7.70 6.50 4.61
C TYR C 72 -8.77 6.46 5.69
N ALA C 73 -9.75 7.37 5.66
CA ALA C 73 -10.76 7.39 6.71
C ALA C 73 -12.11 7.81 6.16
N MET C 74 -13.17 7.38 6.85
CA MET C 74 -14.53 7.74 6.51
C MET C 74 -15.33 7.92 7.79
N HIS C 75 -16.34 8.78 7.73
CA HIS C 75 -17.24 9.03 8.85
C HIS C 75 -18.68 8.98 8.36
N TRP C 76 -19.57 8.54 9.24
CA TRP C 76 -20.99 8.42 8.93
C TRP C 76 -21.81 9.56 9.52
N GLY C 77 -22.85 9.93 8.78
CA GLY C 77 -23.82 10.87 9.31
C GLY C 77 -24.76 10.24 10.32
N THR C 78 -25.34 11.09 11.17
CA THR C 78 -26.32 10.62 12.15
C THR C 78 -27.61 10.19 11.47
N ASP C 79 -27.98 10.83 10.36
CA ASP C 79 -29.16 10.43 9.61
C ASP C 79 -28.95 9.11 8.87
N SER C 80 -27.70 8.68 8.70
CA SER C 80 -27.22 7.48 8.00
C SER C 80 -27.43 7.56 6.49
N ARG C 81 -27.82 8.73 5.98
CA ARG C 81 -27.98 8.92 4.55
C ARG C 81 -26.65 9.24 3.88
N LEU C 82 -25.83 10.07 4.52
CA LEU C 82 -24.65 10.65 3.91
C LEU C 82 -23.40 10.23 4.66
N LEU C 83 -22.31 10.05 3.92
CA LEU C 83 -21.04 9.68 4.51
C LEU C 83 -19.92 10.54 3.92
N VAL C 84 -18.85 10.73 4.68
CA VAL C 84 -17.70 11.52 4.24
C VAL C 84 -16.51 10.60 4.11
N SER C 85 -15.85 10.63 2.96
CA SER C 85 -14.65 9.84 2.71
C SER C 85 -13.48 10.74 2.39
N ALA C 86 -12.37 10.54 3.10
CA ALA C 86 -11.13 11.27 2.91
C ALA C 86 -10.21 10.42 2.04
N SER C 87 -9.56 11.07 1.06
CA SER C 87 -8.62 10.38 0.22
C SER C 87 -7.32 11.19 0.14
N GLN C 88 -6.25 10.51 -0.24
CA GLN C 88 -4.92 11.10 -0.28
C GLN C 88 -4.64 11.82 -1.61
N ASP C 89 -5.65 11.98 -2.45
CA ASP C 89 -5.50 12.70 -3.72
C ASP C 89 -5.72 14.19 -3.58
N GLY C 90 -6.12 14.66 -2.41
CA GLY C 90 -6.56 16.02 -2.25
C GLY C 90 -8.03 16.23 -2.46
N LYS C 91 -8.84 15.18 -2.35
CA LYS C 91 -10.28 15.28 -2.53
C LYS C 91 -11.03 14.67 -1.36
N LEU C 92 -11.98 15.42 -0.82
CA LEU C 92 -12.86 14.97 0.25
C LEU C 92 -14.23 14.82 -0.38
N ILE C 93 -14.81 13.62 -0.32
CA ILE C 93 -16.08 13.39 -1.03
C ILE C 93 -17.18 13.00 -0.05
N ILE C 94 -18.32 13.68 -0.16
CA ILE C 94 -19.52 13.37 0.59
C ILE C 94 -20.42 12.57 -0.34
N TRP C 95 -20.77 11.37 0.10
CA TRP C 95 -21.49 10.36 -0.65
C TRP C 95 -22.91 10.15 -0.14
N ASP C 96 -23.84 9.99 -1.07
CA ASP C 96 -25.21 9.62 -0.78
C ASP C 96 -25.25 8.10 -0.85
N SER C 97 -25.43 7.45 0.32
CA SER C 97 -25.21 6.01 0.42
C SER C 97 -26.28 5.21 -0.30
N TYR C 98 -27.52 5.72 -0.36
CA TYR C 98 -28.61 4.95 -0.96
C TYR C 98 -28.49 4.91 -2.48
N THR C 99 -28.21 6.05 -3.10
CA THR C 99 -28.27 6.19 -4.55
C THR C 99 -26.91 6.16 -5.23
N THR C 100 -25.82 6.00 -4.46
CA THR C 100 -24.42 6.05 -4.92
C THR C 100 -24.12 7.33 -5.70
N ASN C 101 -24.62 8.45 -5.20
CA ASN C 101 -24.37 9.75 -5.80
C ASN C 101 -23.43 10.56 -4.90
N LYS C 102 -22.60 11.36 -5.54
CA LYS C 102 -21.65 12.21 -4.82
C LYS C 102 -22.33 13.54 -4.52
N VAL C 103 -22.71 13.73 -3.26
CA VAL C 103 -23.34 14.97 -2.84
C VAL C 103 -22.34 16.12 -2.92
N HIS C 104 -21.11 15.90 -2.44
CA HIS C 104 -20.13 16.97 -2.45
C HIS C 104 -18.75 16.46 -2.82
N ALA C 105 -18.00 17.31 -3.52
CA ALA C 105 -16.59 17.08 -3.84
C ALA C 105 -15.86 18.33 -3.39
N ILE C 106 -14.89 18.16 -2.51
CA ILE C 106 -14.18 19.29 -1.93
C ILE C 106 -12.69 19.18 -2.23
N PRO C 107 -12.09 20.18 -2.87
CA PRO C 107 -10.64 20.15 -3.06
C PRO C 107 -9.94 20.43 -1.74
N LEU C 108 -8.81 19.78 -1.52
CA LEU C 108 -8.09 19.89 -0.27
C LEU C 108 -6.78 20.64 -0.49
N ARG C 109 -6.48 21.57 0.42
CA ARG C 109 -5.27 22.37 0.30
C ARG C 109 -4.02 21.51 0.46
N SER C 110 -4.06 20.56 1.38
CA SER C 110 -3.00 19.55 1.50
C SER C 110 -3.49 18.27 0.84
N SER C 111 -2.62 17.67 0.02
CA SER C 111 -2.98 16.43 -0.64
C SER C 111 -3.13 15.27 0.35
N TRP C 112 -2.38 15.31 1.44
CA TRP C 112 -2.35 14.20 2.40
C TRP C 112 -3.36 14.48 3.50
N VAL C 113 -4.46 13.74 3.50
CA VAL C 113 -5.50 13.84 4.52
C VAL C 113 -5.74 12.46 5.09
N MET C 114 -5.53 12.32 6.40
CA MET C 114 -5.67 11.06 7.11
C MET C 114 -7.01 10.89 7.82
N THR C 115 -7.75 11.96 8.07
CA THR C 115 -9.01 11.83 8.80
C THR C 115 -10.05 12.79 8.26
N CYS C 116 -11.31 12.38 8.38
CA CYS C 116 -12.44 13.22 8.04
C CYS C 116 -13.55 12.98 9.05
N ALA C 117 -14.31 14.04 9.34
CA ALA C 117 -15.41 13.95 10.29
C ALA C 117 -16.62 14.68 9.75
N TYR C 118 -17.80 14.19 10.12
CA TYR C 118 -19.08 14.78 9.74
C TYR C 118 -19.77 15.24 11.00
N ALA C 119 -20.32 16.45 10.98
CA ALA C 119 -20.99 17.01 12.15
C ALA C 119 -22.29 16.26 12.41
N PRO C 120 -22.70 16.14 13.69
CA PRO C 120 -23.98 15.48 13.97
C PRO C 120 -25.18 16.28 13.48
N SER C 121 -25.09 17.61 13.47
CA SER C 121 -26.11 18.41 12.79
C SER C 121 -26.02 18.26 11.28
N GLY C 122 -24.81 18.03 10.76
CA GLY C 122 -24.59 17.92 9.33
C GLY C 122 -24.12 19.18 8.66
N ASN C 123 -23.92 20.26 9.42
CA ASN C 123 -23.59 21.55 8.83
C ASN C 123 -22.14 21.61 8.36
N TYR C 124 -21.22 20.99 9.09
CA TYR C 124 -19.79 21.16 8.86
C TYR C 124 -19.12 19.81 8.63
N VAL C 125 -17.96 19.87 7.96
CA VAL C 125 -17.15 18.69 7.66
C VAL C 125 -15.69 19.09 7.86
N ALA C 126 -14.99 18.40 8.75
CA ALA C 126 -13.60 18.73 9.04
C ALA C 126 -12.67 17.58 8.69
N CYS C 127 -11.56 17.91 8.05
CA CYS C 127 -10.56 16.93 7.69
C CYS C 127 -9.19 17.37 8.16
N GLY C 128 -8.35 16.38 8.51
CA GLY C 128 -7.03 16.66 8.99
C GLY C 128 -6.00 15.83 8.24
N GLY C 129 -4.76 16.29 8.27
CA GLY C 129 -3.72 15.61 7.55
C GLY C 129 -2.33 15.88 8.06
N LEU C 130 -1.35 15.64 7.20
CA LEU C 130 0.05 15.81 7.55
C LEU C 130 0.46 17.28 7.66
N ASP C 131 -0.35 18.20 7.13
CA ASP C 131 -0.09 19.63 7.22
C ASP C 131 -0.26 20.20 8.62
N ASN C 132 -0.75 19.40 9.57
CA ASN C 132 -1.06 19.68 10.98
C ASN C 132 -2.26 20.61 11.14
N ILE C 133 -2.98 20.89 10.05
CA ILE C 133 -4.06 21.87 10.05
C ILE C 133 -5.37 21.12 9.84
N CYS C 134 -6.32 21.33 10.74
CA CYS C 134 -7.66 20.77 10.58
C CYS C 134 -8.52 21.78 9.85
N SER C 135 -9.10 21.38 8.73
CA SER C 135 -9.91 22.31 7.95
C SER C 135 -11.37 21.96 8.12
N ILE C 136 -12.16 22.95 8.48
CA ILE C 136 -13.61 22.82 8.66
C ILE C 136 -14.27 23.53 7.50
N TYR C 137 -15.13 22.80 6.80
CA TYR C 137 -15.85 23.25 5.62
C TYR C 137 -17.33 23.37 5.96
N ASN C 138 -17.92 24.52 5.64
CA ASN C 138 -19.33 24.77 5.88
C ASN C 138 -20.12 24.26 4.67
N LEU C 139 -21.09 23.37 4.93
CA LEU C 139 -21.93 22.84 3.87
C LEU C 139 -23.18 23.66 3.63
N LYS C 140 -23.54 24.55 4.55
CA LYS C 140 -24.75 25.35 4.45
C LYS C 140 -24.46 26.76 3.95
N THR C 141 -23.44 26.92 3.11
CA THR C 141 -23.15 28.20 2.50
C THR C 141 -24.26 28.62 1.56
N ARG C 142 -24.54 29.92 1.53
CA ARG C 142 -25.67 30.43 0.74
C ARG C 142 -25.38 30.36 -0.75
N GLU C 143 -24.12 30.47 -1.15
CA GLU C 143 -23.77 30.34 -2.56
C GLU C 143 -23.94 28.93 -3.07
N GLY C 144 -23.78 27.93 -2.20
CA GLY C 144 -23.91 26.55 -2.58
C GLY C 144 -22.62 25.84 -2.92
N ASN C 145 -21.49 26.53 -2.81
CA ASN C 145 -20.19 25.93 -3.06
C ASN C 145 -19.41 25.77 -1.75
N VAL C 146 -18.61 24.71 -1.69
CA VAL C 146 -17.86 24.42 -0.48
C VAL C 146 -16.71 25.40 -0.31
N ARG C 147 -16.54 25.89 0.90
CA ARG C 147 -15.48 26.83 1.25
C ARG C 147 -14.92 26.42 2.60
N VAL C 148 -13.69 26.85 2.88
CA VAL C 148 -13.05 26.51 4.14
C VAL C 148 -13.62 27.46 5.19
N SER C 149 -14.44 26.93 6.10
CA SER C 149 -14.99 27.76 7.17
C SER C 149 -13.90 28.22 8.12
N ARG C 150 -13.00 27.30 8.50
CA ARG C 150 -11.90 27.69 9.37
C ARG C 150 -10.77 26.67 9.23
N GLU C 151 -9.54 27.12 9.48
CA GLU C 151 -8.37 26.24 9.47
C GLU C 151 -7.68 26.31 10.82
N LEU C 152 -7.46 25.14 11.42
CA LEU C 152 -6.84 24.99 12.72
C LEU C 152 -5.35 24.68 12.54
N ALA C 153 -4.51 25.66 12.88
CA ALA C 153 -3.07 25.47 12.95
C ALA C 153 -2.70 25.08 14.37
N GLY C 154 -1.41 25.14 14.71
CA GLY C 154 -1.00 25.00 16.09
C GLY C 154 -0.71 23.59 16.57
N HIS C 155 -0.82 22.60 15.70
CA HIS C 155 -0.38 21.25 16.04
C HIS C 155 1.06 21.08 15.61
N THR C 156 1.90 20.58 16.51
CA THR C 156 3.26 20.24 16.11
C THR C 156 3.32 18.86 15.46
N GLY C 157 2.43 17.95 15.84
CA GLY C 157 2.34 16.65 15.22
C GLY C 157 1.26 16.58 14.15
N TYR C 158 1.32 15.51 13.36
CA TYR C 158 0.34 15.30 12.29
C TYR C 158 -1.02 14.98 12.88
N LEU C 159 -2.07 15.56 12.27
CA LEU C 159 -3.41 15.35 12.79
C LEU C 159 -3.90 13.99 12.32
N SER C 160 -4.21 13.11 13.28
CA SER C 160 -4.54 11.72 12.96
C SER C 160 -6.03 11.43 12.97
N CYS C 161 -6.80 12.02 13.88
CA CYS C 161 -8.23 11.79 13.92
C CYS C 161 -8.94 13.03 14.43
N CYS C 162 -10.20 13.19 14.02
CA CYS C 162 -11.04 14.27 14.52
C CYS C 162 -12.48 13.79 14.58
N ARG C 163 -13.20 14.26 15.61
CA ARG C 163 -14.60 13.94 15.83
C ARG C 163 -15.32 15.21 16.25
N PHE C 164 -16.61 15.28 15.94
CA PHE C 164 -17.43 16.45 16.28
C PHE C 164 -18.27 16.15 17.52
N LEU C 165 -18.05 16.94 18.58
CA LEU C 165 -19.02 16.99 19.67
C LEU C 165 -20.30 17.67 19.21
N ASP C 166 -20.16 18.82 18.57
CA ASP C 166 -21.27 19.63 18.05
C ASP C 166 -20.70 20.58 17.00
N ASP C 167 -21.52 21.55 16.60
CA ASP C 167 -21.05 22.59 15.67
C ASP C 167 -20.03 23.51 16.31
N ASN C 168 -20.09 23.68 17.63
CA ASN C 168 -19.22 24.64 18.30
C ASN C 168 -17.86 24.05 18.67
N GLN C 169 -17.82 22.79 19.09
CA GLN C 169 -16.61 22.19 19.64
C GLN C 169 -16.24 20.93 18.86
N ILE C 170 -14.95 20.79 18.58
CA ILE C 170 -14.42 19.63 17.86
C ILE C 170 -13.24 19.07 18.65
N VAL C 171 -13.11 17.74 18.66
CA VAL C 171 -12.00 17.08 19.34
C VAL C 171 -11.10 16.49 18.27
N THR C 172 -9.80 16.71 18.38
CA THR C 172 -8.86 16.23 17.38
C THR C 172 -7.75 15.42 18.03
N SER C 173 -7.17 14.53 17.22
CA SER C 173 -6.07 13.67 17.60
C SER C 173 -4.85 14.06 16.80
N SER C 174 -3.71 14.20 17.46
CA SER C 174 -2.51 14.68 16.81
C SER C 174 -1.37 13.71 17.02
N GLY C 175 -0.35 13.86 16.18
CA GLY C 175 0.82 13.00 16.20
C GLY C 175 1.93 13.42 17.13
N ASP C 176 1.73 14.49 17.91
CA ASP C 176 2.69 14.91 18.92
C ASP C 176 2.28 14.48 20.32
N THR C 177 1.65 13.30 20.43
CA THR C 177 1.18 12.69 21.68
C THR C 177 0.18 13.58 22.41
N THR C 178 -0.63 14.35 21.66
CA THR C 178 -1.61 15.26 22.24
C THR C 178 -2.97 15.08 21.57
N CYS C 179 -4.01 15.30 22.36
CA CYS C 179 -5.39 15.40 21.89
C CYS C 179 -5.88 16.78 22.24
N ALA C 180 -6.55 17.47 21.33
CA ALA C 180 -6.99 18.82 21.69
C ALA C 180 -8.45 19.06 21.38
N LEU C 181 -9.08 19.88 22.23
CA LEU C 181 -10.46 20.30 22.07
C LEU C 181 -10.43 21.75 21.61
N TRP C 182 -11.07 22.01 20.48
CA TRP C 182 -11.09 23.29 19.79
C TRP C 182 -12.50 23.88 19.78
N ASP C 183 -12.59 25.17 20.07
CA ASP C 183 -13.84 25.90 19.96
C ASP C 183 -13.84 26.54 18.57
N ILE C 184 -14.76 26.09 17.71
CA ILE C 184 -14.72 26.42 16.28
C ILE C 184 -15.05 27.90 16.05
N GLU C 185 -15.87 28.50 16.91
CA GLU C 185 -16.19 29.92 16.78
C GLU C 185 -14.98 30.80 17.05
N THR C 186 -14.20 30.47 18.08
CA THR C 186 -13.02 31.26 18.41
C THR C 186 -11.83 30.90 17.52
N GLY C 187 -11.62 29.62 17.27
CA GLY C 187 -10.43 29.16 16.56
C GLY C 187 -9.26 28.84 17.47
N GLN C 188 -9.46 28.81 18.77
CA GLN C 188 -8.44 28.53 19.77
C GLN C 188 -8.82 27.28 20.54
N GLN C 189 -7.82 26.51 20.95
CA GLN C 189 -8.06 25.27 21.67
C GLN C 189 -8.74 25.53 23.01
N THR C 190 -9.87 24.86 23.23
CA THR C 190 -10.53 24.98 24.52
C THR C 190 -9.70 24.30 25.60
N THR C 191 -9.21 23.10 25.30
CA THR C 191 -8.38 22.39 26.28
C THR C 191 -7.41 21.46 25.54
N THR C 192 -6.33 21.11 26.23
CA THR C 192 -5.33 20.21 25.67
C THR C 192 -5.12 19.02 26.60
N PHE C 193 -5.09 17.83 26.00
CA PHE C 193 -4.88 16.55 26.68
C PHE C 193 -3.47 16.09 26.33
N THR C 194 -2.59 16.09 27.33
CA THR C 194 -1.15 15.86 27.13
C THR C 194 -0.63 14.76 28.04
N GLY C 195 -1.31 13.60 28.03
CA GLY C 195 -0.89 12.47 28.84
C GLY C 195 -0.33 11.29 28.08
N HIS C 196 -0.04 11.43 26.79
CA HIS C 196 0.44 10.35 25.95
C HIS C 196 1.96 10.41 25.79
N THR C 197 2.56 9.24 25.63
CA THR C 197 3.94 9.13 25.18
C THR C 197 4.04 8.55 23.77
N GLY C 198 2.92 8.22 23.15
CA GLY C 198 2.91 7.70 21.80
C GLY C 198 1.93 8.47 20.94
N ASP C 199 2.10 8.33 19.62
CA ASP C 199 1.29 9.06 18.65
C ASP C 199 -0.15 8.58 18.71
N VAL C 200 -1.08 9.49 18.97
CA VAL C 200 -2.48 9.10 19.15
C VAL C 200 -3.08 8.87 17.77
N MET C 201 -3.29 7.60 17.44
CA MET C 201 -3.84 7.26 16.12
C MET C 201 -5.30 7.67 15.98
N SER C 202 -6.13 7.43 16.99
CA SER C 202 -7.53 7.79 16.86
C SER C 202 -8.18 7.95 18.22
N LEU C 203 -9.31 8.66 18.22
CA LEU C 203 -10.13 8.87 19.39
C LEU C 203 -11.60 8.69 18.97
N SER C 204 -12.39 8.08 19.85
CA SER C 204 -13.80 7.83 19.60
C SER C 204 -14.64 8.46 20.70
N LEU C 205 -15.59 9.30 20.30
CA LEU C 205 -16.49 9.92 21.27
C LEU C 205 -17.52 8.93 21.78
N ALA C 206 -17.94 9.12 23.02
CA ALA C 206 -19.05 8.38 23.58
C ALA C 206 -20.37 9.03 23.15
N PRO C 207 -21.49 8.28 23.17
CA PRO C 207 -22.79 8.89 22.82
C PRO C 207 -23.24 10.01 23.75
N ASP C 208 -22.94 9.92 25.05
CA ASP C 208 -23.30 11.02 25.95
C ASP C 208 -22.37 12.22 25.81
N THR C 209 -21.23 12.05 25.12
CA THR C 209 -20.22 13.06 24.75
C THR C 209 -19.46 13.64 25.95
N ARG C 210 -19.67 13.10 27.16
CA ARG C 210 -18.95 13.60 28.32
C ARG C 210 -17.49 13.14 28.31
N LEU C 211 -17.25 11.93 27.83
CA LEU C 211 -15.93 11.31 27.89
C LEU C 211 -15.59 10.73 26.53
N PHE C 212 -14.29 10.65 26.23
CA PHE C 212 -13.87 9.99 25.00
C PHE C 212 -12.63 9.16 25.30
N VAL C 213 -12.40 8.12 24.50
CA VAL C 213 -11.23 7.28 24.68
C VAL C 213 -10.34 7.43 23.45
N SER C 214 -9.04 7.47 23.68
CA SER C 214 -8.07 7.63 22.61
C SER C 214 -7.05 6.50 22.65
N GLY C 215 -6.65 6.05 21.47
CA GLY C 215 -5.67 4.99 21.32
C GLY C 215 -4.40 5.57 20.73
N ALA C 216 -3.27 5.22 21.32
CA ALA C 216 -2.00 5.78 20.88
C ALA C 216 -0.98 4.68 20.60
N CYS C 217 0.17 5.11 20.10
CA CYS C 217 1.29 4.24 19.76
C CYS C 217 2.09 3.78 20.97
N ASP C 218 1.74 4.21 22.18
CA ASP C 218 2.39 3.71 23.38
C ASP C 218 1.74 2.47 23.96
N ALA C 219 0.89 1.80 23.16
CA ALA C 219 0.16 0.57 23.52
C ALA C 219 -0.76 0.78 24.73
N SER C 220 -1.27 2.00 24.90
CA SER C 220 -2.18 2.31 25.98
C SER C 220 -3.32 3.16 25.45
N ALA C 221 -4.53 2.88 25.92
CA ALA C 221 -5.72 3.65 25.62
C ALA C 221 -6.10 4.49 26.83
N LYS C 222 -6.37 5.77 26.61
CA LYS C 222 -6.67 6.68 27.69
C LYS C 222 -8.13 7.14 27.64
N LEU C 223 -8.75 7.22 28.80
CA LEU C 223 -10.10 7.75 28.94
C LEU C 223 -9.95 9.20 29.35
N TRP C 224 -10.50 10.12 28.55
CA TRP C 224 -10.33 11.55 28.76
C TRP C 224 -11.67 12.20 29.04
N ASP C 225 -11.66 13.09 30.04
CA ASP C 225 -12.81 13.89 30.39
C ASP C 225 -12.72 15.19 29.59
N VAL C 226 -13.76 15.50 28.82
CA VAL C 226 -13.72 16.63 27.89
C VAL C 226 -13.66 17.95 28.64
N ARG C 227 -14.48 18.09 29.68
CA ARG C 227 -14.53 19.34 30.42
C ARG C 227 -13.37 19.48 31.40
N GLU C 228 -12.97 18.37 32.04
CA GLU C 228 -11.94 18.44 33.08
C GLU C 228 -10.56 18.61 32.48
N GLY C 229 -10.22 17.82 31.46
CA GLY C 229 -8.94 17.94 30.79
C GLY C 229 -7.85 17.00 31.26
N MET C 230 -8.17 15.99 32.06
CA MET C 230 -7.20 15.02 32.53
C MET C 230 -7.72 13.62 32.20
N CYS C 231 -6.80 12.65 32.17
CA CYS C 231 -7.18 11.28 31.83
C CYS C 231 -7.58 10.51 33.09
N ARG C 232 -8.85 10.09 33.13
CA ARG C 232 -9.35 9.35 34.28
C ARG C 232 -8.72 7.96 34.39
N GLN C 233 -8.59 7.25 33.26
CA GLN C 233 -8.09 5.88 33.28
C GLN C 233 -7.09 5.63 32.16
N THR C 234 -6.17 4.71 32.45
CA THR C 234 -5.13 4.25 31.52
C THR C 234 -5.27 2.75 31.35
N PHE C 235 -5.31 2.29 30.10
CA PHE C 235 -5.48 0.88 29.75
C PHE C 235 -4.24 0.40 29.04
N THR C 236 -3.53 -0.56 29.64
CA THR C 236 -2.27 -1.08 29.11
C THR C 236 -2.41 -2.59 28.97
N GLY C 237 -2.93 -3.04 27.84
CA GLY C 237 -3.09 -4.46 27.61
C GLY C 237 -2.62 -4.91 26.23
N HIS C 238 -2.14 -3.96 25.43
CA HIS C 238 -1.73 -4.25 24.07
C HIS C 238 -0.23 -4.42 23.95
N GLU C 239 0.18 -5.32 23.05
CA GLU C 239 1.59 -5.54 22.78
C GLU C 239 2.15 -4.44 21.87
N SER C 240 1.36 -4.00 20.90
CA SER C 240 1.84 -3.12 19.85
C SER C 240 0.98 -1.84 19.78
N ASP C 241 1.18 -1.08 18.71
CA ASP C 241 0.51 0.20 18.51
C ASP C 241 -1.00 0.02 18.36
N ILE C 242 -1.76 0.95 18.94
CA ILE C 242 -3.23 0.93 18.85
C ILE C 242 -3.63 1.82 17.68
N ASN C 243 -4.06 1.18 16.58
CA ASN C 243 -4.43 1.93 15.38
C ASN C 243 -5.80 2.58 15.50
N ALA C 244 -6.77 1.90 16.10
CA ALA C 244 -8.13 2.45 16.14
C ALA C 244 -8.80 2.10 17.46
N ILE C 245 -9.72 2.98 17.86
CA ILE C 245 -10.49 2.80 19.08
C ILE C 245 -11.95 3.09 18.76
N CYS C 246 -12.86 2.31 19.35
CA CYS C 246 -14.29 2.49 19.14
C CYS C 246 -15.02 2.26 20.46
N PHE C 247 -16.22 2.84 20.57
CA PHE C 247 -17.02 2.73 21.77
C PHE C 247 -18.17 1.75 21.60
N PHE C 248 -18.41 0.98 22.65
CA PHE C 248 -19.63 0.19 22.79
C PHE C 248 -20.81 1.16 22.89
N PRO C 249 -21.98 0.79 22.37
CA PRO C 249 -23.09 1.77 22.26
C PRO C 249 -23.62 2.34 23.57
N ASN C 250 -23.47 1.64 24.71
CA ASN C 250 -23.86 2.26 25.97
C ASN C 250 -22.86 3.32 26.41
N GLY C 251 -21.60 3.19 26.00
CA GLY C 251 -20.54 4.10 26.40
C GLY C 251 -19.73 3.65 27.60
N ASN C 252 -19.99 2.45 28.13
CA ASN C 252 -19.27 1.96 29.29
C ASN C 252 -18.04 1.14 28.94
N ALA C 253 -17.92 0.65 27.71
CA ALA C 253 -16.79 -0.17 27.30
C ALA C 253 -16.30 0.30 25.94
N PHE C 254 -15.06 -0.05 25.61
CA PHE C 254 -14.52 0.29 24.30
C PHE C 254 -13.61 -0.82 23.79
N ALA C 255 -13.51 -0.93 22.47
CA ALA C 255 -12.67 -1.93 21.82
C ALA C 255 -11.62 -1.25 20.96
N THR C 256 -10.37 -1.70 21.10
CA THR C 256 -9.24 -1.13 20.39
C THR C 256 -8.56 -2.14 19.49
N GLY C 257 -8.42 -1.80 18.21
CA GLY C 257 -7.62 -2.60 17.30
C GLY C 257 -6.14 -2.33 17.51
N SER C 258 -5.30 -3.29 17.12
CA SER C 258 -3.87 -3.07 17.24
C SER C 258 -3.09 -3.82 16.18
N ASP C 259 -1.81 -3.45 16.05
CA ASP C 259 -0.92 -4.07 15.07
C ASP C 259 -0.49 -5.48 15.44
N ASP C 260 -0.74 -5.93 16.67
CA ASP C 260 -0.36 -7.27 17.09
C ASP C 260 -1.42 -8.32 16.74
N ALA C 261 -2.34 -8.00 15.81
CA ALA C 261 -3.43 -8.86 15.35
C ALA C 261 -4.38 -9.27 16.49
N THR C 262 -4.53 -8.40 17.49
CA THR C 262 -5.50 -8.62 18.57
C THR C 262 -6.37 -7.39 18.72
N CYS C 263 -7.68 -7.59 18.75
CA CYS C 263 -8.63 -6.55 19.15
C CYS C 263 -8.89 -6.76 20.62
N ARG C 264 -8.81 -5.72 21.42
CA ARG C 264 -9.06 -5.94 22.84
C ARG C 264 -10.20 -5.05 23.33
N LEU C 265 -11.10 -5.68 24.09
CA LEU C 265 -12.22 -4.99 24.69
C LEU C 265 -11.86 -4.69 26.13
N PHE C 266 -11.95 -3.41 26.48
CA PHE C 266 -11.62 -2.84 27.77
C PHE C 266 -12.89 -2.24 28.36
N ASP C 267 -13.16 -2.52 29.63
CA ASP C 267 -14.32 -1.95 30.31
C ASP C 267 -13.85 -0.85 31.24
N LEU C 268 -14.56 0.29 31.22
CA LEU C 268 -14.16 1.45 32.01
C LEU C 268 -14.32 1.19 33.50
N ARG C 269 -15.44 0.58 33.90
CA ARG C 269 -15.67 0.29 35.31
C ARG C 269 -14.76 -0.82 35.81
N ALA C 270 -14.49 -1.82 34.96
CA ALA C 270 -13.56 -2.87 35.34
C ALA C 270 -12.11 -2.37 35.33
N ASP C 271 -11.82 -1.37 34.49
CA ASP C 271 -10.50 -0.74 34.33
C ASP C 271 -9.43 -1.75 33.91
N GLN C 272 -9.84 -2.74 33.10
CA GLN C 272 -8.94 -3.77 32.58
C GLN C 272 -9.59 -4.37 31.35
N GLU C 273 -8.78 -5.14 30.61
CA GLU C 273 -9.22 -5.72 29.34
C GLU C 273 -10.11 -6.93 29.57
N LEU C 274 -11.38 -6.81 29.17
CA LEU C 274 -12.30 -7.92 29.31
C LEU C 274 -11.97 -9.05 28.35
N MET C 275 -11.67 -8.72 27.09
CA MET C 275 -11.48 -9.82 26.14
C MET C 275 -10.46 -9.49 25.08
N THR C 276 -9.82 -10.53 24.55
CA THR C 276 -8.87 -10.45 23.45
C THR C 276 -9.41 -11.26 22.27
N TYR C 277 -9.52 -10.61 21.12
CA TYR C 277 -10.00 -11.22 19.88
C TYR C 277 -8.77 -11.44 19.00
N SER C 278 -8.39 -12.70 18.85
CA SER C 278 -7.21 -13.03 18.07
C SER C 278 -7.38 -14.40 17.41
N HIS C 279 -6.65 -14.60 16.32
CA HIS C 279 -6.65 -15.88 15.61
C HIS C 279 -5.21 -16.17 15.21
N ASP C 280 -4.88 -17.47 15.13
CA ASP C 280 -3.50 -17.88 14.86
C ASP C 280 -3.09 -17.58 13.44
N ASN C 281 -3.99 -17.79 12.47
CA ASN C 281 -3.67 -17.51 11.07
C ASN C 281 -3.57 -16.00 10.82
N ILE C 282 -4.30 -15.20 11.59
CA ILE C 282 -4.29 -13.75 11.41
C ILE C 282 -3.07 -13.21 12.17
N ILE C 283 -2.05 -12.80 11.42
CA ILE C 283 -0.91 -12.10 12.00
C ILE C 283 -0.92 -10.61 11.66
N CYS C 284 -1.70 -10.20 10.66
CA CYS C 284 -1.65 -8.84 10.16
C CYS C 284 -2.31 -7.86 11.11
N GLY C 285 -1.87 -6.60 11.05
CA GLY C 285 -2.34 -5.58 11.97
C GLY C 285 -3.77 -5.14 11.68
N ILE C 286 -4.37 -4.52 12.69
CA ILE C 286 -5.78 -4.17 12.70
C ILE C 286 -5.90 -2.67 12.58
N THR C 287 -6.40 -2.20 11.43
CA THR C 287 -6.45 -0.77 11.16
C THR C 287 -7.65 -0.10 11.79
N SER C 288 -8.81 -0.74 11.75
CA SER C 288 -10.05 -0.10 12.17
C SER C 288 -10.93 -1.08 12.94
N VAL C 289 -11.63 -0.56 13.95
CA VAL C 289 -12.63 -1.30 14.71
C VAL C 289 -13.88 -0.45 14.86
N SER C 290 -15.04 -1.06 14.59
CA SER C 290 -16.32 -0.38 14.72
C SER C 290 -17.32 -1.31 15.41
N PHE C 291 -18.36 -0.70 15.99
CA PHE C 291 -19.41 -1.44 16.67
C PHE C 291 -20.75 -1.23 15.96
N SER C 292 -21.60 -2.26 16.06
CA SER C 292 -22.97 -2.21 15.57
C SER C 292 -23.86 -1.43 16.54
N LYS C 293 -25.16 -1.38 16.24
CA LYS C 293 -26.10 -0.70 17.12
C LYS C 293 -26.28 -1.45 18.43
N SER C 294 -26.33 -2.78 18.37
CA SER C 294 -26.42 -3.56 19.60
C SER C 294 -25.09 -3.64 20.33
N GLY C 295 -23.99 -3.72 19.58
CA GLY C 295 -22.70 -3.98 20.17
C GLY C 295 -22.32 -5.44 20.22
N ARG C 296 -23.23 -6.34 19.79
CA ARG C 296 -22.95 -7.77 19.81
C ARG C 296 -21.85 -8.14 18.82
N LEU C 297 -21.79 -7.47 17.68
CA LEU C 297 -20.79 -7.74 16.66
C LEU C 297 -19.77 -6.61 16.62
N LEU C 298 -18.49 -6.98 16.63
CA LEU C 298 -17.38 -6.05 16.51
C LEU C 298 -16.76 -6.25 15.14
N LEU C 299 -16.70 -5.19 14.36
CA LEU C 299 -16.16 -5.25 13.00
C LEU C 299 -14.73 -4.76 13.01
N ALA C 300 -13.80 -5.60 12.57
CA ALA C 300 -12.38 -5.27 12.55
C ALA C 300 -11.85 -5.25 11.14
N GLY C 301 -11.23 -4.13 10.76
CA GLY C 301 -10.48 -4.04 9.51
C GLY C 301 -9.05 -4.51 9.69
N TYR C 302 -8.43 -4.98 8.60
CA TYR C 302 -7.15 -5.66 8.68
C TYR C 302 -6.23 -5.24 7.55
N ASP C 303 -4.99 -5.76 7.61
CA ASP C 303 -4.01 -5.57 6.56
C ASP C 303 -4.04 -6.65 5.50
N ASP C 304 -4.62 -7.81 5.79
CA ASP C 304 -4.69 -8.91 4.82
C ASP C 304 -6.01 -8.93 4.07
N PHE C 305 -6.51 -7.73 3.75
CA PHE C 305 -7.47 -7.42 2.70
C PHE C 305 -8.90 -7.82 3.04
N ASN C 306 -9.18 -8.21 4.28
CA ASN C 306 -10.52 -8.66 4.65
C ASN C 306 -10.89 -8.11 6.03
N CYS C 307 -12.18 -7.97 6.27
CA CYS C 307 -12.71 -7.51 7.55
C CYS C 307 -13.35 -8.67 8.28
N ASN C 308 -13.04 -8.81 9.55
CA ASN C 308 -13.62 -9.90 10.34
C ASN C 308 -14.72 -9.39 11.26
N VAL C 309 -15.84 -10.10 11.23
CA VAL C 309 -16.97 -9.85 12.11
C VAL C 309 -16.73 -10.78 13.28
N TRP C 310 -16.66 -10.22 14.48
CA TRP C 310 -16.35 -10.95 15.70
C TRP C 310 -17.54 -10.90 16.65
N ASP C 311 -17.92 -12.05 17.20
CA ASP C 311 -18.96 -12.07 18.22
C ASP C 311 -18.32 -11.58 19.50
N ALA C 312 -18.84 -10.46 20.04
CA ALA C 312 -18.20 -9.81 21.20
C ALA C 312 -18.32 -10.66 22.45
N LEU C 313 -19.33 -11.52 22.54
CA LEU C 313 -19.47 -12.39 23.70
C LEU C 313 -18.67 -13.68 23.54
N LYS C 314 -18.81 -14.34 22.39
CA LYS C 314 -18.24 -15.67 22.20
C LYS C 314 -16.78 -15.68 21.77
N ALA C 315 -16.26 -14.53 21.27
CA ALA C 315 -14.88 -14.36 20.82
C ALA C 315 -14.51 -15.32 19.68
N ASP C 316 -15.41 -15.46 18.72
CA ASP C 316 -15.12 -16.20 17.49
C ASP C 316 -15.45 -15.33 16.29
N ARG C 317 -14.86 -15.67 15.15
CA ARG C 317 -15.06 -14.88 13.93
C ARG C 317 -16.44 -15.22 13.36
N ALA C 318 -17.38 -14.27 13.50
CA ALA C 318 -18.71 -14.46 12.95
C ALA C 318 -18.69 -14.47 11.43
N GLY C 319 -17.92 -13.58 10.82
CA GLY C 319 -17.92 -13.51 9.36
C GLY C 319 -16.67 -12.90 8.79
N VAL C 320 -16.45 -13.10 7.49
CA VAL C 320 -15.32 -12.51 6.79
C VAL C 320 -15.83 -11.76 5.57
N LEU C 321 -15.36 -10.51 5.42
CA LEU C 321 -15.69 -9.63 4.31
C LEU C 321 -14.46 -9.51 3.42
N ALA C 322 -14.52 -10.10 2.23
CA ALA C 322 -13.38 -10.14 1.31
C ALA C 322 -13.81 -9.55 -0.02
N GLY C 323 -13.71 -8.23 -0.15
CA GLY C 323 -14.04 -7.55 -1.38
C GLY C 323 -13.09 -6.44 -1.75
N HIS C 324 -11.99 -6.31 -1.01
CA HIS C 324 -11.06 -5.21 -1.17
C HIS C 324 -9.74 -5.70 -1.75
N ASP C 325 -9.26 -5.00 -2.77
CA ASP C 325 -7.98 -5.36 -3.39
C ASP C 325 -6.80 -4.98 -2.50
N ASN C 326 -6.89 -3.84 -1.80
CA ASN C 326 -5.82 -3.37 -0.94
C ASN C 326 -6.36 -3.29 0.49
N ARG C 327 -5.46 -2.98 1.44
CA ARG C 327 -5.76 -3.11 2.87
C ARG C 327 -6.86 -2.15 3.32
N VAL C 328 -7.68 -2.64 4.24
CA VAL C 328 -8.83 -1.87 4.75
C VAL C 328 -8.31 -0.80 5.70
N SER C 329 -8.32 0.45 5.23
CA SER C 329 -7.91 1.55 6.08
C SER C 329 -8.93 1.88 7.16
N CYS C 330 -10.23 1.92 6.82
CA CYS C 330 -11.24 2.33 7.77
C CYS C 330 -12.53 1.52 7.65
N LEU C 331 -13.19 1.34 8.79
CA LEU C 331 -14.46 0.65 8.88
C LEU C 331 -15.46 1.53 9.63
N GLY C 332 -16.62 1.78 9.03
CA GLY C 332 -17.62 2.62 9.65
C GLY C 332 -19.01 2.00 9.67
N VAL C 333 -19.69 2.13 10.80
CA VAL C 333 -21.04 1.62 10.97
C VAL C 333 -21.98 2.77 11.25
N THR C 334 -23.13 2.77 10.58
CA THR C 334 -24.18 3.76 10.79
C THR C 334 -24.72 3.73 12.22
N ASP C 335 -25.35 4.83 12.63
CA ASP C 335 -25.91 4.91 13.97
C ASP C 335 -27.13 4.01 14.13
N ASP C 336 -27.99 3.94 13.12
CA ASP C 336 -29.12 3.02 13.18
C ASP C 336 -28.71 1.57 12.91
N GLY C 337 -27.49 1.33 12.45
CA GLY C 337 -26.98 -0.01 12.29
C GLY C 337 -27.36 -0.71 11.00
N MET C 338 -27.89 0.03 10.01
CA MET C 338 -28.47 -0.59 8.84
C MET C 338 -27.39 -1.20 7.93
N ALA C 339 -26.36 -0.43 7.62
CA ALA C 339 -25.31 -0.91 6.73
C ALA C 339 -23.95 -0.48 7.25
N VAL C 340 -22.91 -1.08 6.68
CA VAL C 340 -21.53 -0.84 7.07
C VAL C 340 -20.76 -0.38 5.84
N ALA C 341 -20.03 0.72 5.95
CA ALA C 341 -19.24 1.20 4.84
C ALA C 341 -17.77 0.98 5.17
N THR C 342 -17.06 0.37 4.23
CA THR C 342 -15.67 0.02 4.43
C THR C 342 -14.82 0.73 3.39
N GLY C 343 -13.79 1.43 3.86
CA GLY C 343 -12.84 2.10 3.00
C GLY C 343 -11.51 1.39 3.05
N SER C 344 -10.91 1.19 1.89
CA SER C 344 -9.64 0.51 1.77
C SER C 344 -8.72 1.31 0.87
N TRP C 345 -7.47 0.86 0.77
CA TRP C 345 -6.48 1.58 0.00
C TRP C 345 -6.52 1.29 -1.50
N ASP C 346 -7.48 0.51 -1.98
CA ASP C 346 -7.65 0.31 -3.41
C ASP C 346 -8.57 1.33 -4.05
N SER C 347 -8.89 2.41 -3.32
CA SER C 347 -9.72 3.55 -3.76
C SER C 347 -11.18 3.15 -3.99
N PHE C 348 -11.66 2.13 -3.28
CA PHE C 348 -13.06 1.73 -3.38
C PHE C 348 -13.71 1.74 -2.01
N LEU C 349 -14.93 2.26 -1.93
CA LEU C 349 -15.77 2.16 -0.75
C LEU C 349 -16.80 1.06 -0.98
N LYS C 350 -16.77 0.02 -0.16
CA LYS C 350 -17.70 -1.09 -0.28
C LYS C 350 -18.67 -1.03 0.88
N ILE C 351 -19.97 -1.14 0.59
CA ILE C 351 -20.99 -1.14 1.63
C ILE C 351 -21.50 -2.56 1.78
N TRP C 352 -21.43 -3.08 3.00
CA TRP C 352 -21.81 -4.44 3.32
C TRP C 352 -23.02 -4.41 4.25
N ASN C 353 -24.05 -5.18 3.90
CA ASN C 353 -25.24 -5.30 4.70
C ASN C 353 -25.41 -6.76 5.11
N GLY C 354 -25.89 -6.98 6.33
CA GLY C 354 -26.19 -8.30 6.83
C GLY C 354 -27.29 -9.02 6.07
N THR D 5 15.84 19.37 33.26
CA THR D 5 14.90 18.93 34.29
C THR D 5 13.60 18.44 33.66
N ALA D 6 13.69 17.92 32.44
CA ALA D 6 12.52 17.40 31.76
C ALA D 6 12.14 16.01 32.27
N SER D 7 13.15 15.16 32.52
CA SER D 7 12.91 13.80 32.97
C SER D 7 12.23 13.76 34.35
N ILE D 8 12.70 14.60 35.28
CA ILE D 8 12.09 14.64 36.62
C ILE D 8 10.64 15.14 36.53
N ALA D 9 10.38 16.14 35.67
CA ALA D 9 9.02 16.65 35.50
C ALA D 9 8.11 15.59 34.91
N GLN D 10 8.60 14.84 33.91
CA GLN D 10 7.82 13.76 33.31
C GLN D 10 7.53 12.65 34.32
N ALA D 11 8.54 12.29 35.13
CA ALA D 11 8.35 11.28 36.17
C ALA D 11 7.35 11.74 37.21
N ARG D 12 7.41 13.01 37.61
CA ARG D 12 6.46 13.57 38.57
C ARG D 12 5.05 13.54 38.02
N LYS D 13 4.89 13.87 36.73
CA LYS D 13 3.58 13.82 36.09
C LYS D 13 3.05 12.39 36.06
N LEU D 14 3.92 11.43 35.78
CA LEU D 14 3.51 10.02 35.78
C LEU D 14 3.09 9.56 37.17
N VAL D 15 3.82 9.97 38.20
CA VAL D 15 3.48 9.61 39.58
C VAL D 15 2.13 10.20 39.99
N GLU D 16 1.92 11.48 39.67
CA GLU D 16 0.64 12.14 39.98
C GLU D 16 -0.52 11.50 39.23
N GLN D 17 -0.32 11.18 37.95
CA GLN D 17 -1.37 10.54 37.16
C GLN D 17 -1.70 9.15 37.69
N LEU D 18 -0.67 8.37 38.07
CA LEU D 18 -0.91 7.05 38.63
C LEU D 18 -1.66 7.14 39.96
N LYS D 19 -1.32 8.15 40.78
CA LYS D 19 -2.03 8.35 42.04
C LYS D 19 -3.50 8.67 41.81
N MET D 20 -3.78 9.54 40.82
CA MET D 20 -5.16 9.88 40.49
C MET D 20 -5.93 8.68 39.95
N GLU D 21 -5.30 7.90 39.06
CA GLU D 21 -5.94 6.72 38.47
C GLU D 21 -6.19 5.63 39.49
N ALA D 22 -5.23 5.41 40.42
CA ALA D 22 -5.37 4.35 41.42
C ALA D 22 -6.56 4.58 42.35
N ASN D 23 -6.81 5.83 42.74
CA ASN D 23 -7.88 6.14 43.69
C ASN D 23 -9.18 6.42 42.95
N ILE D 24 -9.72 5.36 42.33
CA ILE D 24 -11.01 5.41 41.67
C ILE D 24 -11.87 4.26 42.17
N ASP D 25 -13.18 4.42 42.08
CA ASP D 25 -14.10 3.32 42.34
C ASP D 25 -14.05 2.31 41.21
N ARG D 26 -14.01 1.03 41.55
CA ARG D 26 -13.96 -0.04 40.58
C ARG D 26 -15.12 -1.00 40.77
N ILE D 27 -15.61 -1.53 39.66
CA ILE D 27 -16.72 -2.47 39.63
C ILE D 27 -16.17 -3.83 39.21
N LYS D 28 -16.69 -4.90 39.81
CA LYS D 28 -16.24 -6.25 39.50
C LYS D 28 -16.55 -6.62 38.05
N VAL D 29 -15.76 -7.56 37.53
CA VAL D 29 -15.82 -7.94 36.13
C VAL D 29 -17.12 -8.66 35.81
N SER D 30 -17.60 -9.51 36.73
CA SER D 30 -18.84 -10.26 36.52
C SER D 30 -20.05 -9.33 36.39
N LYS D 31 -20.16 -8.31 37.25
CA LYS D 31 -21.26 -7.36 37.16
C LYS D 31 -21.22 -6.53 35.88
N ALA D 32 -20.03 -6.06 35.50
CA ALA D 32 -19.86 -5.29 34.27
C ALA D 32 -20.16 -6.13 33.03
N ALA D 33 -19.70 -7.38 33.04
CA ALA D 33 -19.96 -8.31 31.95
C ALA D 33 -21.44 -8.62 31.84
N ALA D 34 -22.11 -8.76 32.99
CA ALA D 34 -23.55 -8.98 33.01
C ALA D 34 -24.29 -7.79 32.43
N ASP D 35 -23.84 -6.57 32.76
CA ASP D 35 -24.46 -5.37 32.22
C ASP D 35 -24.30 -5.29 30.70
N LEU D 36 -23.10 -5.60 30.20
CA LEU D 36 -22.87 -5.60 28.74
C LEU D 36 -23.71 -6.67 28.05
N MET D 37 -23.79 -7.86 28.65
CA MET D 37 -24.60 -8.95 28.11
C MET D 37 -26.07 -8.57 28.08
N ALA D 38 -26.55 -7.91 29.15
CA ALA D 38 -27.93 -7.46 29.22
C ALA D 38 -28.21 -6.42 28.14
N TYR D 39 -27.27 -5.51 27.90
CA TYR D 39 -27.43 -4.50 26.86
C TYR D 39 -27.50 -5.15 25.48
N CYS D 40 -26.64 -6.14 25.23
CA CYS D 40 -26.66 -6.86 23.95
C CYS D 40 -27.95 -7.62 23.74
N GLU D 41 -28.44 -8.29 24.79
CA GLU D 41 -29.71 -9.02 24.70
C GLU D 41 -30.88 -8.09 24.49
N ALA D 42 -30.90 -6.95 25.20
CA ALA D 42 -31.99 -5.98 25.05
C ALA D 42 -32.01 -5.36 23.65
N HIS D 43 -30.85 -5.07 23.09
CA HIS D 43 -30.79 -4.43 21.77
C HIS D 43 -30.53 -5.42 20.64
N ALA D 44 -30.74 -6.72 20.87
CA ALA D 44 -30.48 -7.72 19.84
C ALA D 44 -31.47 -7.62 18.68
N LYS D 45 -32.74 -7.37 18.99
CA LYS D 45 -33.76 -7.28 17.95
C LYS D 45 -33.63 -5.99 17.14
N GLU D 46 -33.14 -4.92 17.77
CA GLU D 46 -33.06 -3.63 17.09
C GLU D 46 -31.95 -3.59 16.04
N ASP D 47 -30.93 -4.42 16.19
CA ASP D 47 -29.75 -4.36 15.33
C ASP D 47 -30.05 -4.94 13.95
N PRO D 48 -29.87 -4.17 12.87
CA PRO D 48 -30.07 -4.75 11.53
C PRO D 48 -28.94 -5.68 11.11
N LEU D 49 -27.75 -5.52 11.68
CA LEU D 49 -26.64 -6.41 11.33
C LEU D 49 -26.80 -7.77 11.99
N LEU D 50 -27.25 -7.80 13.25
CA LEU D 50 -27.33 -9.05 13.99
C LEU D 50 -28.49 -9.92 13.50
N THR D 51 -29.63 -9.30 13.19
CA THR D 51 -30.82 -10.00 12.74
C THR D 51 -31.10 -9.63 11.29
N PRO D 52 -31.30 -10.60 10.41
CA PRO D 52 -31.51 -10.28 8.98
C PRO D 52 -32.82 -9.53 8.74
N VAL D 53 -32.76 -8.59 7.79
CA VAL D 53 -33.83 -7.62 7.56
C VAL D 53 -34.42 -7.89 6.18
N PRO D 54 -35.75 -7.87 6.02
CA PRO D 54 -36.34 -8.01 4.69
C PRO D 54 -35.99 -6.85 3.77
N ALA D 55 -36.10 -7.12 2.47
CA ALA D 55 -35.69 -6.15 1.45
C ALA D 55 -36.59 -4.92 1.41
N SER D 56 -37.85 -5.05 1.83
CA SER D 56 -38.75 -3.91 1.86
C SER D 56 -38.34 -2.91 2.93
N GLU D 57 -37.99 -3.40 4.12
CA GLU D 57 -37.47 -2.52 5.17
C GLU D 57 -36.07 -2.03 4.85
N ASN D 58 -35.30 -2.82 4.12
CA ASN D 58 -33.93 -2.48 3.77
C ASN D 58 -33.90 -1.35 2.76
N PRO D 59 -33.25 -0.22 3.05
CA PRO D 59 -33.15 0.86 2.06
C PRO D 59 -32.05 0.66 1.03
N PHE D 60 -31.18 -0.33 1.21
CA PHE D 60 -30.06 -0.58 0.33
C PHE D 60 -30.35 -1.65 -0.72
N ARG D 61 -31.62 -2.02 -0.90
CA ARG D 61 -32.00 -2.93 -1.98
C ARG D 61 -33.08 -2.31 -2.85
N GLN E 2 0.91 -5.11 29.89
CA GLN E 2 1.69 -3.89 29.69
C GLN E 2 3.12 -4.22 29.30
N VAL E 3 3.58 -3.60 28.22
CA VAL E 3 4.91 -3.87 27.66
C VAL E 3 5.94 -3.16 28.52
N GLN E 4 6.77 -3.93 29.22
CA GLN E 4 7.85 -3.37 30.01
C GLN E 4 9.13 -4.17 29.81
N LEU E 5 10.22 -3.46 29.60
CA LEU E 5 11.55 -4.03 29.42
C LEU E 5 12.44 -3.54 30.56
N GLN E 6 13.09 -4.47 31.24
CA GLN E 6 13.96 -4.14 32.38
C GLN E 6 15.39 -4.58 32.09
N GLU E 7 16.35 -3.70 32.35
CA GLU E 7 17.75 -3.99 32.09
C GLU E 7 18.48 -4.34 33.39
N SER E 8 19.21 -5.45 33.35
CA SER E 8 20.02 -5.95 34.45
C SER E 8 21.48 -5.94 34.02
N GLY E 9 22.34 -5.47 34.92
CA GLY E 9 23.77 -5.45 34.69
C GLY E 9 24.26 -4.09 34.25
N GLY E 10 25.54 -3.84 34.51
CA GLY E 10 26.16 -2.58 34.16
C GLY E 10 27.10 -2.06 35.23
N GLY E 11 26.96 -0.79 35.57
CA GLY E 11 27.81 -0.20 36.61
C GLY E 11 29.13 0.26 36.04
N LEU E 12 30.22 -0.09 36.72
CA LEU E 12 31.57 0.34 36.36
C LEU E 12 32.36 -0.86 35.88
N VAL E 13 32.96 -0.74 34.68
CA VAL E 13 33.76 -1.79 34.08
C VAL E 13 35.11 -1.20 33.66
N GLN E 14 36.18 -1.96 33.88
CA GLN E 14 37.50 -1.60 33.36
C GLN E 14 37.54 -1.82 31.85
N PRO E 15 38.41 -1.11 31.11
CA PRO E 15 38.53 -1.37 29.67
C PRO E 15 39.16 -2.74 29.41
N GLY E 16 38.56 -3.48 28.50
CA GLY E 16 38.91 -4.87 28.28
C GLY E 16 38.08 -5.85 29.07
N GLY E 17 37.24 -5.38 29.98
CA GLY E 17 36.41 -6.28 30.76
C GLY E 17 35.18 -6.74 30.03
N SER E 18 34.60 -7.83 30.52
CA SER E 18 33.42 -8.44 29.93
C SER E 18 32.20 -8.11 30.79
N LEU E 19 31.18 -7.54 30.16
CA LEU E 19 29.94 -7.16 30.83
C LEU E 19 28.76 -7.81 30.11
N ARG E 20 27.84 -8.39 30.87
CA ARG E 20 26.67 -9.03 30.31
C ARG E 20 25.44 -8.21 30.66
N LEU E 21 24.66 -7.86 29.64
CA LEU E 21 23.44 -7.09 29.78
C LEU E 21 22.25 -8.01 29.58
N SER E 22 21.33 -8.03 30.54
CA SER E 22 20.16 -8.90 30.47
C SER E 22 18.92 -8.04 30.37
N CYS E 23 18.04 -8.36 29.42
CA CYS E 23 16.81 -7.62 29.25
C CYS E 23 15.65 -8.56 29.53
N ALA E 24 14.74 -8.12 30.39
CA ALA E 24 13.57 -8.88 30.80
C ALA E 24 12.36 -8.27 30.12
N ALA E 25 11.61 -9.12 29.43
CA ALA E 25 10.45 -8.70 28.67
C ALA E 25 9.16 -9.16 29.33
N SER E 26 8.23 -8.23 29.52
CA SER E 26 6.94 -8.56 30.10
C SER E 26 5.83 -7.86 29.33
N GLY E 27 4.70 -8.54 29.19
CA GLY E 27 3.54 -7.96 28.55
C GLY E 27 3.39 -8.21 27.06
N PHE E 28 4.26 -9.01 26.46
CA PHE E 28 4.11 -9.34 25.05
C PHE E 28 4.69 -10.72 24.79
N THR E 29 4.40 -11.26 23.61
CA THR E 29 4.98 -12.51 23.15
C THR E 29 6.38 -12.23 22.59
N PHE E 30 7.38 -12.90 23.17
CA PHE E 30 8.77 -12.57 22.89
C PHE E 30 9.19 -12.96 21.46
N SER E 31 8.68 -14.09 20.97
CA SER E 31 9.16 -14.64 19.70
C SER E 31 8.71 -13.82 18.50
N ASN E 32 7.58 -13.12 18.61
CA ASN E 32 7.01 -12.43 17.45
C ASN E 32 7.79 -11.19 17.03
N TYR E 33 8.65 -10.66 17.89
CA TYR E 33 9.24 -9.34 17.68
C TYR E 33 10.75 -9.43 17.52
N LYS E 34 11.27 -8.72 16.53
CA LYS E 34 12.71 -8.49 16.42
C LYS E 34 13.15 -7.45 17.43
N MET E 35 14.24 -7.73 18.16
CA MET E 35 14.63 -6.85 19.25
C MET E 35 16.06 -6.34 19.07
N ASN E 36 16.27 -5.10 19.51
CA ASN E 36 17.56 -4.44 19.35
C ASN E 36 18.01 -3.68 20.59
N TRP E 37 19.32 -3.44 20.63
CA TRP E 37 20.00 -2.67 21.66
C TRP E 37 20.40 -1.33 21.06
N VAL E 38 20.05 -0.25 21.75
CA VAL E 38 20.34 1.14 21.38
C VAL E 38 21.11 1.80 22.51
N ARG E 39 22.20 2.51 22.22
CA ARG E 39 22.98 3.14 23.28
C ARG E 39 23.03 4.65 23.10
N GLN E 40 22.84 5.37 24.21
CA GLN E 40 22.88 6.83 24.26
C GLN E 40 24.12 7.25 25.04
N ALA E 41 25.09 7.85 24.35
CA ALA E 41 26.26 8.40 25.01
C ALA E 41 25.88 9.70 25.72
N PRO E 42 26.62 10.08 26.78
CA PRO E 42 26.32 11.35 27.47
C PRO E 42 26.57 12.56 26.57
N GLY E 43 25.56 13.43 26.51
CA GLY E 43 25.59 14.57 25.62
C GLY E 43 25.58 14.23 24.15
N LYS E 44 25.06 13.05 23.79
CA LYS E 44 25.03 12.59 22.41
C LYS E 44 23.70 11.89 22.16
N GLY E 45 23.35 11.79 20.88
CA GLY E 45 22.09 11.18 20.51
C GLY E 45 22.11 9.66 20.62
N LEU E 46 20.90 9.10 20.57
CA LEU E 46 20.73 7.65 20.55
C LEU E 46 21.29 7.06 19.27
N GLU E 47 22.00 5.95 19.40
CA GLU E 47 22.56 5.23 18.25
C GLU E 47 22.24 3.74 18.37
N TRP E 48 21.75 3.17 17.28
CA TRP E 48 21.42 1.75 17.23
C TRP E 48 22.68 0.90 17.33
N VAL E 49 22.65 -0.12 18.18
CA VAL E 49 23.83 -0.97 18.35
C VAL E 49 23.68 -2.30 17.63
N SER E 50 22.67 -3.09 18.00
CA SER E 50 22.55 -4.39 17.32
C SER E 50 21.13 -4.93 17.39
N ASP E 51 20.77 -5.79 16.42
CA ASP E 51 19.45 -6.40 16.44
C ASP E 51 19.49 -7.88 16.08
N ILE E 52 18.52 -8.61 16.65
CA ILE E 52 18.34 -10.03 16.43
C ILE E 52 16.87 -10.28 16.08
N SER E 53 16.64 -11.08 15.04
CA SER E 53 15.34 -11.24 14.41
C SER E 53 14.43 -12.14 15.26
N GLN E 54 13.27 -12.50 14.69
CA GLN E 54 12.30 -13.33 15.38
C GLN E 54 12.84 -14.74 15.61
N SER E 55 13.33 -15.38 14.55
CA SER E 55 13.93 -16.70 14.70
C SER E 55 15.30 -16.62 15.36
N GLY E 56 16.04 -15.54 15.10
CA GLY E 56 17.39 -15.39 15.60
C GLY E 56 18.47 -15.76 14.60
N ALA E 57 18.09 -16.22 13.41
CA ALA E 57 19.09 -16.57 12.40
C ALA E 57 19.72 -15.32 11.79
N SER E 58 18.92 -14.28 11.57
CA SER E 58 19.39 -13.04 10.96
C SER E 58 19.72 -12.03 12.05
N ILE E 59 20.99 -11.67 12.16
CA ILE E 59 21.49 -10.74 13.17
C ILE E 59 22.30 -9.66 12.47
N SER E 60 22.05 -8.40 12.81
CA SER E 60 22.83 -7.31 12.22
C SER E 60 23.44 -6.46 13.32
N TYR E 61 24.64 -5.95 13.07
CA TYR E 61 25.40 -5.17 14.04
C TYR E 61 25.83 -3.84 13.43
N THR E 62 26.03 -2.87 14.31
CA THR E 62 26.80 -1.68 13.97
C THR E 62 28.25 -2.11 13.76
N GLY E 63 28.93 -1.45 12.81
CA GLY E 63 30.30 -1.82 12.50
C GLY E 63 31.26 -1.60 13.66
N SER E 64 31.04 -0.54 14.45
CA SER E 64 31.91 -0.24 15.58
C SER E 64 31.82 -1.31 16.66
N VAL E 65 30.67 -1.98 16.78
CA VAL E 65 30.52 -3.10 17.71
C VAL E 65 30.56 -4.44 17.01
N LYS E 66 30.79 -4.47 15.69
CA LYS E 66 30.80 -5.71 14.94
C LYS E 66 32.02 -6.55 15.30
N GLY E 67 31.79 -7.82 15.63
CA GLY E 67 32.83 -8.70 16.09
C GLY E 67 33.22 -8.52 17.54
N ARG E 68 32.60 -7.56 18.24
CA ARG E 68 32.93 -7.23 19.61
C ARG E 68 31.79 -7.47 20.58
N PHE E 69 30.54 -7.34 20.14
CA PHE E 69 29.37 -7.60 20.96
C PHE E 69 28.61 -8.78 20.39
N THR E 70 28.11 -9.65 21.28
CA THR E 70 27.32 -10.81 20.87
C THR E 70 25.91 -10.68 21.43
N ILE E 71 24.90 -10.79 20.57
CA ILE E 71 23.51 -10.67 20.97
C ILE E 71 22.80 -12.01 20.76
N SER E 72 22.14 -12.50 21.81
CA SER E 72 21.42 -13.76 21.78
C SER E 72 20.07 -13.57 22.47
N ARG E 73 19.04 -14.25 21.98
CA ARG E 73 17.72 -14.14 22.57
C ARG E 73 17.23 -15.52 22.99
N ASP E 74 16.75 -15.64 24.22
CA ASP E 74 16.20 -16.88 24.73
C ASP E 74 14.68 -16.73 24.78
N ASN E 75 14.00 -17.44 23.89
CA ASN E 75 12.55 -17.37 23.80
C ASN E 75 11.88 -18.01 24.99
N ALA E 76 12.43 -19.14 25.46
CA ALA E 76 11.82 -19.87 26.57
C ALA E 76 11.97 -19.11 27.88
N LYS E 77 13.15 -18.54 28.14
CA LYS E 77 13.35 -17.73 29.34
C LYS E 77 12.91 -16.29 29.17
N ASN E 78 12.43 -15.92 27.96
CA ASN E 78 11.83 -14.60 27.68
C ASN E 78 12.84 -13.47 27.94
N THR E 79 14.08 -13.68 27.50
CA THR E 79 15.16 -12.80 27.92
C THR E 79 16.05 -12.48 26.73
N LEU E 80 16.65 -11.29 26.74
CA LEU E 80 17.60 -10.85 25.72
C LEU E 80 18.97 -10.69 26.38
N TYR E 81 20.00 -11.30 25.81
CA TYR E 81 21.34 -11.26 26.39
C TYR E 81 22.30 -10.57 25.43
N LEU E 82 23.09 -9.63 25.98
CA LEU E 82 24.15 -8.95 25.25
C LEU E 82 25.47 -9.23 25.96
N GLN E 83 26.47 -9.67 25.21
CA GLN E 83 27.79 -9.98 25.72
C GLN E 83 28.77 -8.94 25.21
N MET E 84 29.49 -8.31 26.13
CA MET E 84 30.46 -7.26 25.84
C MET E 84 31.83 -7.71 26.32
N ASN E 85 32.82 -7.67 25.42
CA ASN E 85 34.21 -7.92 25.81
C ASN E 85 35.12 -6.99 25.01
N SER E 86 36.32 -6.78 25.56
CA SER E 86 37.33 -5.85 25.02
C SER E 86 36.77 -4.45 24.87
N LEU E 87 36.22 -3.92 25.97
CA LEU E 87 35.55 -2.63 25.95
C LEU E 87 36.54 -1.49 25.79
N LYS E 88 36.04 -0.36 25.29
CA LYS E 88 36.81 0.83 24.98
C LYS E 88 36.26 2.02 25.76
N PRO E 89 37.05 3.07 25.95
CA PRO E 89 36.51 4.30 26.57
C PRO E 89 35.40 4.96 25.75
N GLU E 90 35.36 4.77 24.44
CA GLU E 90 34.25 5.29 23.65
C GLU E 90 32.95 4.53 23.92
N ASP E 91 33.05 3.27 24.36
CA ASP E 91 31.89 2.40 24.49
C ASP E 91 30.92 2.79 25.60
N THR E 92 31.32 3.67 26.53
CA THR E 92 30.44 3.99 27.65
C THR E 92 29.23 4.81 27.19
N ALA E 93 28.05 4.32 27.56
CA ALA E 93 26.76 4.88 27.19
C ALA E 93 25.70 4.21 28.04
N VAL E 94 24.53 4.85 28.11
CA VAL E 94 23.36 4.16 28.64
C VAL E 94 22.87 3.18 27.59
N TYR E 95 22.54 1.96 28.01
CA TYR E 95 22.07 0.94 27.09
C TYR E 95 20.59 0.72 27.29
N TYR E 96 19.83 0.84 26.21
CA TYR E 96 18.39 0.66 26.18
C TYR E 96 18.03 -0.58 25.38
N CYS E 97 17.04 -1.30 25.87
CA CYS E 97 16.55 -2.50 25.24
C CYS E 97 15.27 -2.10 24.52
N ALA E 98 15.21 -2.37 23.22
CA ALA E 98 14.12 -1.88 22.39
C ALA E 98 13.51 -3.01 21.58
N ARG E 99 12.22 -2.85 21.28
CA ARG E 99 11.44 -3.80 20.52
C ARG E 99 10.88 -3.14 19.27
N CYS E 100 10.90 -3.89 18.16
CA CYS E 100 10.25 -3.44 16.93
C CYS E 100 8.75 -3.26 17.17
N PRO E 101 8.13 -2.26 16.54
CA PRO E 101 6.73 -1.94 16.91
C PRO E 101 5.72 -2.99 16.48
N ALA E 102 5.86 -3.58 15.31
CA ALA E 102 4.88 -4.53 14.82
C ALA E 102 5.45 -5.96 14.85
N PRO E 103 4.61 -6.98 14.99
CA PRO E 103 5.11 -8.35 14.90
C PRO E 103 5.28 -8.79 13.45
N PHE E 104 6.19 -9.76 13.28
CA PHE E 104 6.44 -10.46 12.00
C PHE E 104 6.91 -9.53 10.90
N THR E 105 7.56 -8.42 11.24
CA THR E 105 8.03 -7.45 10.28
C THR E 105 9.53 -7.22 10.45
N ARG E 106 10.15 -6.75 9.36
CA ARG E 106 11.59 -6.50 9.34
C ARG E 106 11.94 -5.05 9.64
N ASP E 107 11.04 -4.12 9.40
CA ASP E 107 11.36 -2.70 9.56
C ASP E 107 11.37 -2.28 11.03
N CYS E 108 12.27 -1.35 11.35
CA CYS E 108 12.36 -0.72 12.67
C CYS E 108 12.51 0.78 12.44
N PHE E 109 11.39 1.48 12.31
CA PHE E 109 11.45 2.91 11.99
C PHE E 109 11.84 3.75 13.21
N ASP E 110 11.15 3.57 14.33
CA ASP E 110 11.23 4.52 15.42
C ASP E 110 11.99 3.99 16.62
N VAL E 111 12.80 2.95 16.43
CA VAL E 111 13.60 2.41 17.53
C VAL E 111 14.64 3.42 17.98
N THR E 112 15.26 4.12 17.04
CA THR E 112 16.15 5.24 17.34
C THR E 112 15.33 6.52 17.14
N SER E 113 14.77 7.03 18.23
CA SER E 113 13.97 8.25 18.22
C SER E 113 13.97 8.81 19.63
N THR E 114 13.74 10.13 19.73
CA THR E 114 13.99 10.89 20.96
C THR E 114 13.10 10.43 22.11
N THR E 115 11.81 10.20 21.84
CA THR E 115 10.91 9.65 22.83
C THR E 115 10.18 8.47 22.21
N TYR E 116 10.55 7.26 22.61
CA TYR E 116 9.97 6.02 22.11
C TYR E 116 9.56 5.18 23.30
N ALA E 117 8.29 4.75 23.31
CA ALA E 117 7.69 4.20 24.51
C ALA E 117 7.94 2.71 24.71
N TYR E 118 8.53 2.02 23.74
CA TYR E 118 8.77 0.59 23.88
C TYR E 118 10.21 0.27 24.25
N ARG E 119 10.95 1.24 24.79
CA ARG E 119 12.28 0.97 25.29
C ARG E 119 12.29 1.03 26.81
N GLY E 120 13.22 0.28 27.40
CA GLY E 120 13.37 0.26 28.84
C GLY E 120 13.99 1.53 29.37
N GLN E 121 14.03 1.63 30.71
CA GLN E 121 14.64 2.78 31.36
C GLN E 121 16.15 2.81 31.18
N GLY E 122 16.79 1.64 31.14
CA GLY E 122 18.20 1.55 30.86
C GLY E 122 19.06 1.60 32.11
N THR E 123 20.28 1.08 31.97
CA THR E 123 21.26 1.08 33.04
C THR E 123 22.53 1.80 32.58
N GLN E 124 23.05 2.67 33.43
CA GLN E 124 24.29 3.38 33.13
C GLN E 124 25.46 2.41 33.12
N VAL E 125 26.18 2.37 32.00
CA VAL E 125 27.42 1.63 31.88
C VAL E 125 28.56 2.63 31.74
N THR E 126 29.53 2.56 32.64
CA THR E 126 30.67 3.46 32.64
C THR E 126 31.94 2.63 32.62
N VAL E 127 32.88 3.00 31.75
CA VAL E 127 34.16 2.30 31.64
C VAL E 127 35.25 3.24 32.13
N SER E 128 36.01 2.78 33.13
CA SER E 128 37.02 3.62 33.77
C SER E 128 38.38 2.96 33.65
N SER E 129 39.32 3.66 33.01
CA SER E 129 40.69 3.17 32.87
C SER E 129 41.47 3.36 34.16
#